data_4V2C
#
_entry.id   4V2C
#
_cell.length_a   180.140
_cell.length_b   150.910
_cell.length_c   67.220
_cell.angle_alpha   90.00
_cell.angle_beta   102.79
_cell.angle_gamma   90.00
#
_symmetry.space_group_name_H-M   'C 1 2 1'
#
loop_
_entity.id
_entity.type
_entity.pdbx_description
1 polymer 'FIBRONECTIN LEUCINE RICH TRANSMEMBRANE PROTEIN 2'
2 polymer 'PROTEIN UNC5D'
#
loop_
_entity_poly.entity_id
_entity_poly.type
_entity_poly.pdbx_seq_one_letter_code
_entity_poly.pdbx_strand_id
1 'polypeptide(L)'
;ACPSVCRCDRNFVYCNERSLTSVPLGIPEGVTVLYLHNNQINNAGFPAELHNVQSVHTVYLYGNQLDEFPMNLPKNVRVL
HLQENNIQTISRAALAQLLKLEELHLDDNSISTVGVEDGAFREAISLKLLFLSKNHLSSVPVGLPVDLQELRVDENRIAV
ISDMAFQNLTSLERLIVDGNLLTNKGIAEGTFSHLTKLKEFSIVRNSLSHPPPDLPGTHLIRLYLQDNQINHIPLTAFAN
LRKLERLDISNNQLRMLTQGVFDHLSNLKQLTARNNPWFCDCSIKWVTEWLKYIPSSLNVRGFMCQGPEQVRGMAVRELN
MNLLSCPT
;
A,C
2 'polypeptide(L)'
;MGTGAADRSRGARWWLPWLGLCFWAAGAEAARGADSGEVLPDSIPSAPGTLPHFIEEPEDAYIIKSNPIALRCKARPAMQ
IFFKCNGEWVHQNEHVSEESLDESSGLKVREVFINVTRQQVEDFHGPEDYWCQCVAWSHLGTSKSRKASVRIAYLRKNFE
Q
;
B,D
#
# COMPACT_ATOMS: atom_id res chain seq x y z
N CYS A 2 18.49 -8.55 46.60
CA CYS A 2 19.49 -8.43 45.53
C CYS A 2 20.12 -9.78 45.15
N PRO A 3 20.51 -9.99 43.86
CA PRO A 3 21.04 -11.29 43.45
C PRO A 3 22.47 -11.60 43.93
N SER A 4 22.88 -12.87 43.80
CA SER A 4 24.19 -13.39 44.21
C SER A 4 25.35 -12.84 43.37
N VAL A 5 25.22 -12.87 42.03
CA VAL A 5 26.23 -12.38 41.08
C VAL A 5 26.04 -10.92 40.69
N CYS A 6 24.78 -10.45 40.67
CA CYS A 6 24.40 -9.09 40.30
C CYS A 6 24.41 -8.15 41.52
N ARG A 7 25.05 -6.97 41.37
CA ARG A 7 25.18 -5.97 42.43
C ARG A 7 24.15 -4.84 42.33
N CYS A 8 23.84 -4.20 43.48
CA CYS A 8 22.87 -3.11 43.61
C CYS A 8 23.42 -1.98 44.48
N ASP A 9 23.32 -0.72 44.00
CA ASP A 9 23.80 0.46 44.72
C ASP A 9 22.88 1.66 44.54
N ARG A 10 22.53 2.33 45.67
CA ARG A 10 21.67 3.52 45.77
C ARG A 10 20.31 3.38 45.05
N ASN A 11 19.67 2.20 45.20
CA ASN A 11 18.39 1.83 44.60
C ASN A 11 18.43 1.72 43.05
N PHE A 12 19.56 1.22 42.53
CA PHE A 12 19.82 0.98 41.11
C PHE A 12 20.43 -0.42 40.96
N VAL A 13 19.80 -1.29 40.15
CA VAL A 13 20.25 -2.67 39.93
C VAL A 13 21.22 -2.74 38.75
N TYR A 14 22.47 -3.15 39.02
CA TYR A 14 23.53 -3.27 38.02
C TYR A 14 23.84 -4.74 37.67
N CYS A 15 23.05 -5.33 36.75
CA CYS A 15 23.24 -6.71 36.28
C CYS A 15 24.05 -6.74 34.98
N ASN A 16 24.43 -5.55 34.48
CA ASN A 16 25.18 -5.34 33.24
C ASN A 16 26.60 -5.88 33.26
N GLU A 17 27.06 -6.40 32.09
CA GLU A 17 28.40 -6.97 31.84
C GLU A 17 28.77 -8.10 32.82
N ARG A 18 27.80 -9.01 33.07
CA ARG A 18 27.97 -10.14 33.99
C ARG A 18 27.70 -11.51 33.34
N SER A 19 27.47 -11.52 32.00
CA SER A 19 27.19 -12.70 31.17
C SER A 19 26.05 -13.60 31.66
N LEU A 20 24.95 -12.97 32.13
CA LEU A 20 23.76 -13.64 32.64
C LEU A 20 22.95 -14.30 31.51
N THR A 21 22.60 -15.58 31.69
CA THR A 21 21.82 -16.37 30.73
C THR A 21 20.34 -15.97 30.81
N SER A 22 19.89 -15.55 32.01
CA SER A 22 18.51 -15.14 32.29
C SER A 22 18.47 -13.95 33.26
N VAL A 23 17.32 -13.26 33.34
CA VAL A 23 17.10 -12.12 34.25
C VAL A 23 16.99 -12.66 35.69
N PRO A 24 17.79 -12.15 36.66
CA PRO A 24 17.73 -12.69 38.03
C PRO A 24 16.41 -12.52 38.77
N LEU A 25 16.14 -13.42 39.71
CA LEU A 25 14.92 -13.48 40.52
C LEU A 25 14.87 -12.40 41.61
N GLY A 26 16.00 -12.20 42.29
CA GLY A 26 16.14 -11.24 43.38
C GLY A 26 16.15 -9.78 42.99
N ILE A 27 14.99 -9.27 42.53
CA ILE A 27 14.85 -7.85 42.15
C ILE A 27 14.06 -7.14 43.26
N PRO A 28 14.65 -6.12 43.93
CA PRO A 28 13.93 -5.43 45.02
C PRO A 28 12.68 -4.66 44.57
N GLU A 29 11.71 -4.52 45.48
CA GLU A 29 10.42 -3.86 45.28
C GLU A 29 10.47 -2.38 44.90
N GLY A 30 11.37 -1.63 45.53
CA GLY A 30 11.51 -0.18 45.30
C GLY A 30 12.77 0.25 44.57
N VAL A 31 12.90 -0.14 43.28
CA VAL A 31 14.05 0.22 42.45
C VAL A 31 13.62 1.19 41.35
N THR A 32 14.45 2.23 41.09
CA THR A 32 14.20 3.27 40.09
C THR A 32 14.55 2.78 38.67
N VAL A 33 15.85 2.55 38.38
CA VAL A 33 16.35 2.13 37.06
C VAL A 33 16.98 0.73 37.15
N LEU A 34 16.70 -0.14 36.15
CA LEU A 34 17.18 -1.51 36.05
C LEU A 34 18.15 -1.65 34.86
N TYR A 35 19.41 -2.07 35.12
CA TYR A 35 20.44 -2.26 34.09
C TYR A 35 20.70 -3.75 33.86
N LEU A 36 20.35 -4.25 32.67
CA LEU A 36 20.53 -5.66 32.28
C LEU A 36 21.22 -5.82 30.90
N HIS A 37 21.84 -4.73 30.41
CA HIS A 37 22.51 -4.66 29.12
C HIS A 37 23.86 -5.40 29.07
N ASN A 38 24.38 -5.64 27.84
CA ASN A 38 25.65 -6.33 27.53
C ASN A 38 25.80 -7.71 28.19
N ASN A 39 24.73 -8.51 28.12
CA ASN A 39 24.64 -9.87 28.65
C ASN A 39 24.18 -10.84 27.55
N GLN A 40 23.97 -12.12 27.90
CA GLN A 40 23.51 -13.15 26.96
C GLN A 40 22.12 -13.66 27.34
N ILE A 41 21.22 -12.73 27.74
CA ILE A 41 19.85 -13.02 28.17
C ILE A 41 18.98 -13.48 26.98
N ASN A 42 18.38 -14.67 27.10
CA ASN A 42 17.50 -15.28 26.11
C ASN A 42 16.03 -14.85 26.33
N ASN A 43 15.16 -15.11 25.34
CA ASN A 43 13.73 -14.77 25.37
C ASN A 43 12.92 -15.51 26.45
N ALA A 44 13.36 -16.73 26.83
CA ALA A 44 12.70 -17.56 27.85
C ALA A 44 13.36 -17.43 29.24
N GLY A 45 14.00 -16.29 29.48
CA GLY A 45 14.68 -16.00 30.74
C GLY A 45 14.10 -14.82 31.50
N PHE A 46 12.76 -14.70 31.52
CA PHE A 46 12.05 -13.62 32.20
C PHE A 46 11.01 -14.17 33.20
N PRO A 47 11.26 -14.06 34.54
CA PRO A 47 10.27 -14.58 35.52
C PRO A 47 9.03 -13.71 35.64
N ALA A 48 7.89 -14.33 36.00
CA ALA A 48 6.59 -13.68 36.18
C ALA A 48 6.59 -12.64 37.31
N GLU A 49 7.50 -12.82 38.29
CA GLU A 49 7.68 -11.93 39.45
C GLU A 49 8.27 -10.55 39.09
N LEU A 50 8.92 -10.43 37.92
CA LEU A 50 9.53 -9.20 37.42
C LEU A 50 8.43 -8.18 37.03
N HIS A 51 7.29 -8.67 36.52
CA HIS A 51 6.14 -7.87 36.12
C HIS A 51 5.42 -7.26 37.33
N ASN A 52 5.52 -7.94 38.51
CA ASN A 52 4.91 -7.53 39.77
C ASN A 52 5.56 -6.25 40.35
N VAL A 53 6.85 -5.99 40.01
CA VAL A 53 7.59 -4.81 40.46
C VAL A 53 7.02 -3.58 39.73
N GLN A 54 6.47 -2.63 40.50
CA GLN A 54 5.82 -1.43 39.96
C GLN A 54 6.63 -0.13 40.07
N SER A 55 7.74 -0.14 40.84
CA SER A 55 8.59 1.03 41.05
C SER A 55 9.52 1.36 39.88
N VAL A 56 9.92 0.36 39.08
CA VAL A 56 10.83 0.53 37.93
C VAL A 56 10.14 1.24 36.77
N HIS A 57 10.79 2.29 36.23
CA HIS A 57 10.29 3.06 35.08
C HIS A 57 11.28 3.15 33.91
N THR A 58 12.55 2.74 34.12
CA THR A 58 13.59 2.74 33.09
C THR A 58 14.35 1.41 33.11
N VAL A 59 14.32 0.67 31.97
CA VAL A 59 14.98 -0.64 31.84
C VAL A 59 15.89 -0.66 30.60
N TYR A 60 17.16 -1.05 30.79
CA TYR A 60 18.17 -1.16 29.74
C TYR A 60 18.44 -2.64 29.45
N LEU A 61 18.22 -3.07 28.20
CA LEU A 61 18.40 -4.45 27.75
C LEU A 61 19.07 -4.50 26.38
N TYR A 62 20.18 -3.76 26.19
CA TYR A 62 20.88 -3.72 24.92
C TYR A 62 22.05 -4.69 24.78
N GLY A 63 22.17 -5.28 23.59
CA GLY A 63 23.23 -6.24 23.26
C GLY A 63 23.03 -7.60 23.90
N ASN A 64 21.84 -8.19 23.72
CA ASN A 64 21.49 -9.51 24.27
C ASN A 64 21.22 -10.57 23.19
N GLN A 65 20.85 -11.80 23.60
CA GLN A 65 20.57 -12.91 22.69
C GLN A 65 19.05 -13.16 22.53
N LEU A 66 18.25 -12.08 22.68
CA LEU A 66 16.79 -12.10 22.56
C LEU A 66 16.33 -12.31 21.11
N ASP A 67 15.26 -13.10 20.91
CA ASP A 67 14.70 -13.39 19.58
C ASP A 67 13.29 -12.80 19.40
N GLU A 68 12.57 -12.62 20.52
CA GLU A 68 11.20 -12.06 20.54
C GLU A 68 11.12 -10.90 21.54
N PHE A 69 10.01 -10.13 21.51
CA PHE A 69 9.79 -9.03 22.46
C PHE A 69 9.58 -9.63 23.85
N PRO A 70 10.38 -9.21 24.87
CA PRO A 70 10.26 -9.82 26.21
C PRO A 70 8.91 -9.69 26.90
N MET A 71 8.52 -10.79 27.57
CA MET A 71 7.30 -10.91 28.37
C MET A 71 7.65 -10.71 29.84
N ASN A 72 6.62 -10.49 30.68
CA ASN A 72 6.72 -10.30 32.13
C ASN A 72 7.66 -9.15 32.60
N LEU A 73 7.80 -8.11 31.76
CA LEU A 73 8.60 -6.92 32.07
C LEU A 73 7.88 -6.06 33.12
N PRO A 74 8.57 -5.25 33.97
CA PRO A 74 7.84 -4.46 34.98
C PRO A 74 6.71 -3.59 34.43
N LYS A 75 5.52 -3.77 35.02
CA LYS A 75 4.23 -3.13 34.69
C LYS A 75 4.27 -1.62 34.39
N ASN A 76 4.91 -0.82 35.25
CA ASN A 76 4.96 0.64 35.10
C ASN A 76 6.28 1.21 34.53
N VAL A 77 6.83 0.56 33.49
CA VAL A 77 8.06 1.01 32.83
C VAL A 77 7.73 2.04 31.75
N ARG A 78 8.36 3.23 31.82
CA ARG A 78 8.17 4.33 30.87
C ARG A 78 9.16 4.21 29.70
N VAL A 79 10.48 4.17 30.01
CA VAL A 79 11.56 4.09 29.00
C VAL A 79 12.12 2.67 28.96
N LEU A 80 12.16 2.07 27.76
CA LEU A 80 12.67 0.71 27.55
C LEU A 80 13.63 0.65 26.37
N HIS A 81 14.85 0.15 26.62
CA HIS A 81 15.91 0.01 25.63
C HIS A 81 16.10 -1.47 25.29
N LEU A 82 15.89 -1.84 24.02
CA LEU A 82 16.02 -3.21 23.53
C LEU A 82 16.83 -3.28 22.22
N GLN A 83 17.79 -2.36 22.05
CA GLN A 83 18.64 -2.29 20.86
C GLN A 83 19.80 -3.31 20.84
N GLU A 84 20.49 -3.42 19.69
CA GLU A 84 21.65 -4.29 19.44
C GLU A 84 21.46 -5.81 19.62
N ASN A 85 20.22 -6.29 19.83
CA ASN A 85 19.92 -7.72 19.95
C ASN A 85 19.38 -8.32 18.64
N ASN A 86 18.87 -9.57 18.67
CA ASN A 86 18.36 -10.27 17.48
C ASN A 86 16.83 -10.49 17.48
N ILE A 87 16.05 -9.47 17.89
CA ILE A 87 14.58 -9.55 17.93
C ILE A 87 14.02 -9.65 16.50
N GLN A 88 13.16 -10.65 16.27
CA GLN A 88 12.52 -10.91 14.97
C GLN A 88 10.98 -10.82 15.06
N THR A 89 10.40 -11.31 16.16
CA THR A 89 8.96 -11.35 16.40
C THR A 89 8.52 -10.35 17.48
N ILE A 90 7.44 -9.59 17.19
CA ILE A 90 6.82 -8.63 18.09
C ILE A 90 5.40 -9.15 18.39
N SER A 91 5.17 -9.55 19.65
CA SER A 91 3.87 -10.10 20.08
C SER A 91 2.94 -9.05 20.67
N ARG A 92 1.62 -9.24 20.41
CA ARG A 92 0.53 -8.38 20.88
C ARG A 92 0.34 -8.47 22.40
N ALA A 93 0.60 -9.65 22.98
CA ALA A 93 0.46 -9.94 24.41
C ALA A 93 1.54 -9.28 25.27
N ALA A 94 2.79 -9.18 24.75
CA ALA A 94 3.93 -8.58 25.46
C ALA A 94 3.80 -7.07 25.64
N LEU A 95 3.32 -6.36 24.59
CA LEU A 95 3.12 -4.91 24.63
C LEU A 95 1.84 -4.52 25.39
N ALA A 96 0.95 -5.50 25.64
CA ALA A 96 -0.29 -5.32 26.39
C ALA A 96 0.01 -5.28 27.90
N GLN A 97 1.16 -5.83 28.31
CA GLN A 97 1.63 -5.87 29.70
C GLN A 97 2.15 -4.48 30.12
N LEU A 98 2.98 -3.86 29.25
CA LEU A 98 3.57 -2.53 29.48
C LEU A 98 2.59 -1.45 29.03
N LEU A 99 1.58 -1.17 29.89
CA LEU A 99 0.53 -0.18 29.63
C LEU A 99 1.01 1.27 29.85
N LYS A 100 2.08 1.47 30.63
CA LYS A 100 2.64 2.79 30.92
C LYS A 100 3.93 3.11 30.14
N LEU A 101 4.22 2.32 29.08
CA LEU A 101 5.39 2.48 28.21
C LEU A 101 5.29 3.75 27.38
N GLU A 102 6.24 4.69 27.56
CA GLU A 102 6.28 5.97 26.86
C GLU A 102 7.35 6.01 25.76
N GLU A 103 8.56 5.47 26.04
CA GLU A 103 9.69 5.45 25.10
C GLU A 103 10.16 4.02 24.86
N LEU A 104 10.33 3.65 23.58
CA LEU A 104 10.77 2.31 23.17
C LEU A 104 11.82 2.38 22.07
N HIS A 105 12.93 1.63 22.26
CA HIS A 105 14.05 1.55 21.33
C HIS A 105 14.26 0.11 20.88
N LEU A 106 14.00 -0.17 19.60
CA LEU A 106 14.16 -1.50 19.00
C LEU A 106 15.17 -1.48 17.86
N ASP A 107 16.19 -0.60 17.97
CA ASP A 107 17.25 -0.38 16.98
C ASP A 107 18.18 -1.59 16.82
N ASP A 108 18.87 -1.70 15.66
CA ASP A 108 19.82 -2.76 15.32
C ASP A 108 19.29 -4.22 15.52
N ASN A 109 18.02 -4.47 15.12
CA ASN A 109 17.41 -5.79 15.25
C ASN A 109 16.97 -6.35 13.88
N SER A 110 16.51 -7.63 13.86
CA SER A 110 16.05 -8.32 12.66
C SER A 110 14.50 -8.38 12.58
N ILE A 111 13.83 -7.29 12.96
CA ILE A 111 12.37 -7.15 12.98
C ILE A 111 11.80 -7.02 11.55
N SER A 112 10.88 -7.92 11.19
CA SER A 112 10.22 -7.94 9.88
C SER A 112 8.71 -7.65 10.04
N THR A 113 8.01 -7.37 8.92
CA THR A 113 6.57 -7.07 8.87
C THR A 113 5.73 -8.25 9.38
N VAL A 114 6.13 -9.49 9.03
CA VAL A 114 5.47 -10.74 9.43
C VAL A 114 5.63 -10.96 10.95
N GLY A 115 6.82 -10.62 11.48
CA GLY A 115 7.16 -10.73 12.89
C GLY A 115 6.29 -9.89 13.80
N VAL A 116 5.90 -8.69 13.34
CA VAL A 116 5.04 -7.78 14.09
C VAL A 116 3.59 -8.27 13.95
N GLU A 117 2.96 -8.61 15.09
CA GLU A 117 1.58 -9.09 15.12
C GLU A 117 0.63 -7.93 14.82
N ASP A 118 -0.51 -8.21 14.16
CA ASP A 118 -1.50 -7.21 13.78
C ASP A 118 -2.07 -6.46 14.99
N GLY A 119 -1.63 -5.22 15.14
CA GLY A 119 -2.03 -4.34 16.23
C GLY A 119 -1.28 -4.59 17.53
N ALA A 120 0.01 -4.95 17.43
CA ALA A 120 0.87 -5.22 18.60
C ALA A 120 1.28 -3.92 19.29
N PHE A 121 1.77 -2.93 18.52
CA PHE A 121 2.20 -1.63 19.04
C PHE A 121 1.03 -0.78 19.54
N ARG A 122 -0.16 -0.96 18.94
CA ARG A 122 -1.41 -0.28 19.29
C ARG A 122 -1.83 -0.55 20.74
N GLU A 123 -1.47 -1.75 21.27
CA GLU A 123 -1.74 -2.18 22.64
C GLU A 123 -1.06 -1.28 23.67
N ALA A 124 0.16 -0.78 23.34
CA ALA A 124 0.93 0.13 24.18
C ALA A 124 0.30 1.53 24.06
N ILE A 125 -0.79 1.74 24.84
CA ILE A 125 -1.61 2.96 24.87
C ILE A 125 -0.88 4.27 25.21
N SER A 126 0.15 4.18 26.06
CA SER A 126 0.94 5.34 26.51
C SER A 126 2.15 5.67 25.61
N LEU A 127 2.42 4.84 24.58
CA LEU A 127 3.56 5.00 23.67
C LEU A 127 3.60 6.33 22.91
N LYS A 128 4.61 7.15 23.23
CA LYS A 128 4.85 8.47 22.64
C LYS A 128 6.02 8.43 21.66
N LEU A 129 7.08 7.66 21.97
CA LEU A 129 8.27 7.56 21.13
C LEU A 129 8.58 6.11 20.76
N LEU A 130 8.60 5.82 19.45
CA LEU A 130 8.87 4.49 18.90
C LEU A 130 10.02 4.55 17.89
N PHE A 131 11.15 3.93 18.24
CA PHE A 131 12.37 3.92 17.41
C PHE A 131 12.62 2.55 16.78
N LEU A 132 12.12 2.36 15.54
CA LEU A 132 12.26 1.13 14.78
C LEU A 132 13.36 1.26 13.72
N SER A 133 14.51 1.84 14.14
CA SER A 133 15.67 2.05 13.29
C SER A 133 16.44 0.75 13.03
N LYS A 134 17.00 0.62 11.82
CA LYS A 134 17.81 -0.52 11.36
C LYS A 134 17.20 -1.91 11.59
N ASN A 135 16.05 -2.16 10.94
CA ASN A 135 15.31 -3.42 10.99
C ASN A 135 14.99 -3.89 9.57
N HIS A 136 14.48 -5.12 9.42
CA HIS A 136 14.16 -5.70 8.12
C HIS A 136 12.67 -5.52 7.74
N LEU A 137 12.00 -4.49 8.29
CA LEU A 137 10.59 -4.16 8.03
C LEU A 137 10.36 -3.82 6.57
N SER A 138 9.34 -4.42 5.97
CA SER A 138 8.99 -4.25 4.55
C SER A 138 7.94 -3.15 4.30
N SER A 139 7.21 -2.74 5.37
CA SER A 139 6.18 -1.70 5.34
C SER A 139 5.92 -1.14 6.74
N VAL A 140 5.24 0.02 6.83
CA VAL A 140 4.87 0.66 8.09
C VAL A 140 3.67 -0.12 8.69
N PRO A 141 3.75 -0.60 9.95
CA PRO A 141 2.62 -1.36 10.53
C PRO A 141 1.33 -0.56 10.64
N VAL A 142 0.18 -1.23 10.41
CA VAL A 142 -1.15 -0.61 10.45
C VAL A 142 -1.58 -0.28 11.90
N GLY A 143 -1.45 -1.25 12.80
CA GLY A 143 -1.80 -1.08 14.21
C GLY A 143 -0.77 -0.29 14.99
N LEU A 144 -0.88 1.06 14.95
CA LEU A 144 0.02 1.98 15.64
C LEU A 144 -0.68 2.75 16.79
N PRO A 145 0.03 3.22 17.85
CA PRO A 145 -0.66 3.95 18.93
C PRO A 145 -1.11 5.36 18.55
N VAL A 146 -2.26 5.78 19.10
CA VAL A 146 -2.90 7.08 18.86
C VAL A 146 -2.06 8.23 19.46
N ASP A 147 -1.54 8.05 20.69
CA ASP A 147 -0.75 9.04 21.43
C ASP A 147 0.73 9.15 21.01
N LEU A 148 1.11 8.54 19.86
CA LEU A 148 2.47 8.57 19.33
C LEU A 148 2.86 9.97 18.86
N GLN A 149 4.05 10.45 19.28
CA GLN A 149 4.59 11.77 18.95
C GLN A 149 5.78 11.70 18.00
N GLU A 150 6.53 10.58 18.02
CA GLU A 150 7.69 10.38 17.16
C GLU A 150 7.80 8.93 16.67
N LEU A 151 7.84 8.75 15.34
CA LEU A 151 7.98 7.45 14.69
C LEU A 151 9.22 7.47 13.81
N ARG A 152 10.31 6.84 14.30
CA ARG A 152 11.58 6.75 13.60
C ARG A 152 11.76 5.32 13.10
N VAL A 153 11.40 5.10 11.82
CA VAL A 153 11.48 3.79 11.17
C VAL A 153 12.53 3.79 10.02
N ASP A 154 13.62 4.58 10.23
CA ASP A 154 14.73 4.77 9.31
C ASP A 154 15.62 3.53 9.14
N GLU A 155 16.36 3.48 8.00
CA GLU A 155 17.30 2.42 7.59
C GLU A 155 16.67 1.02 7.52
N ASN A 156 15.47 0.94 6.92
CA ASN A 156 14.70 -0.30 6.77
C ASN A 156 14.57 -0.72 5.29
N ARG A 157 13.75 -1.74 5.01
CA ARG A 157 13.50 -2.27 3.67
C ARG A 157 12.06 -1.92 3.22
N ILE A 158 11.54 -0.77 3.70
CA ILE A 158 10.19 -0.29 3.40
C ILE A 158 10.07 0.21 1.96
N ALA A 159 9.08 -0.34 1.23
CA ALA A 159 8.79 0.02 -0.17
C ALA A 159 7.36 0.54 -0.32
N VAL A 160 6.44 0.11 0.58
CA VAL A 160 5.03 0.49 0.57
C VAL A 160 4.54 1.09 1.88
N ILE A 161 3.58 2.04 1.80
CA ILE A 161 2.91 2.69 2.92
C ILE A 161 1.41 2.73 2.62
N SER A 162 0.60 2.09 3.50
CA SER A 162 -0.85 2.01 3.37
C SER A 162 -1.52 3.29 3.89
N ASP A 163 -2.75 3.56 3.41
CA ASP A 163 -3.56 4.72 3.82
C ASP A 163 -4.06 4.54 5.26
N MET A 164 -4.23 3.27 5.68
CA MET A 164 -4.70 2.88 7.02
C MET A 164 -3.54 2.77 8.04
N ALA A 165 -2.28 2.86 7.57
CA ALA A 165 -1.08 2.77 8.42
C ALA A 165 -0.95 3.95 9.40
N PHE A 166 -1.42 5.15 9.00
CA PHE A 166 -1.39 6.35 9.83
C PHE A 166 -2.80 6.77 10.28
N GLN A 167 -3.67 5.80 10.55
CA GLN A 167 -5.05 6.00 11.01
C GLN A 167 -5.04 6.43 12.48
N ASN A 168 -5.80 7.51 12.80
CA ASN A 168 -5.97 8.12 14.13
C ASN A 168 -4.73 8.83 14.71
N LEU A 169 -3.56 8.73 14.03
CA LEU A 169 -2.32 9.38 14.46
C LEU A 169 -2.31 10.87 14.12
N THR A 170 -3.02 11.66 14.94
CA THR A 170 -3.14 13.12 14.79
C THR A 170 -2.08 13.83 15.65
N SER A 171 -1.59 13.16 16.72
CA SER A 171 -0.61 13.68 17.65
C SER A 171 0.87 13.51 17.23
N LEU A 172 1.14 12.83 16.10
CA LEU A 172 2.51 12.60 15.61
C LEU A 172 3.17 13.90 15.13
N GLU A 173 4.36 14.21 15.67
CA GLU A 173 5.15 15.41 15.35
C GLU A 173 6.31 15.14 14.41
N ARG A 174 7.04 14.02 14.60
CA ARG A 174 8.19 13.67 13.77
C ARG A 174 8.05 12.29 13.12
N LEU A 175 8.25 12.23 11.81
CA LEU A 175 8.19 11.00 11.01
C LEU A 175 9.44 10.87 10.16
N ILE A 176 10.34 9.96 10.55
CA ILE A 176 11.62 9.72 9.88
C ILE A 176 11.61 8.35 9.18
N VAL A 177 11.37 8.38 7.86
CA VAL A 177 11.35 7.18 7.01
C VAL A 177 12.45 7.35 5.95
N ASP A 178 13.71 7.41 6.42
CA ASP A 178 14.86 7.58 5.52
C ASP A 178 15.79 6.37 5.43
N GLY A 179 16.33 6.14 4.24
CA GLY A 179 17.20 5.00 3.95
C GLY A 179 16.37 3.76 3.69
N ASN A 180 15.35 3.90 2.83
CA ASN A 180 14.40 2.85 2.46
C ASN A 180 14.31 2.66 0.94
N LEU A 181 13.56 1.63 0.52
CA LEU A 181 13.34 1.28 -0.89
C LEU A 181 11.98 1.85 -1.36
N LEU A 182 11.50 2.89 -0.65
CA LEU A 182 10.22 3.57 -0.86
C LEU A 182 10.14 4.34 -2.18
N THR A 183 8.98 4.24 -2.84
CA THR A 183 8.65 4.90 -4.12
C THR A 183 7.35 5.70 -3.99
N ASN A 184 7.07 6.59 -4.97
CA ASN A 184 5.86 7.40 -4.98
C ASN A 184 4.60 6.56 -5.28
N LYS A 185 4.76 5.46 -6.03
CA LYS A 185 3.67 4.53 -6.33
C LYS A 185 3.39 3.61 -5.14
N GLY A 186 4.43 3.36 -4.33
CA GLY A 186 4.37 2.54 -3.13
C GLY A 186 3.51 3.15 -2.04
N ILE A 187 3.58 4.49 -1.87
CA ILE A 187 2.79 5.23 -0.89
C ILE A 187 1.36 5.43 -1.39
N ALA A 188 0.36 5.13 -0.54
CA ALA A 188 -1.06 5.26 -0.87
C ALA A 188 -1.50 6.72 -0.98
N GLU A 189 -2.59 6.97 -1.73
CA GLU A 189 -3.16 8.30 -1.95
C GLU A 189 -3.74 8.86 -0.63
N GLY A 190 -3.21 10.01 -0.21
CA GLY A 190 -3.60 10.71 1.00
C GLY A 190 -3.29 9.96 2.29
N THR A 191 -2.07 9.39 2.38
CA THR A 191 -1.61 8.64 3.56
C THR A 191 -1.10 9.54 4.69
N PHE A 192 -0.47 10.68 4.33
CA PHE A 192 0.10 11.64 5.29
C PHE A 192 -0.86 12.79 5.64
N SER A 193 -1.92 12.98 4.82
CA SER A 193 -2.93 14.03 4.94
C SER A 193 -3.51 14.30 6.35
N HIS A 194 -3.76 13.23 7.13
CA HIS A 194 -4.34 13.34 8.47
C HIS A 194 -3.34 13.58 9.63
N LEU A 195 -2.05 13.82 9.31
CA LEU A 195 -1.01 14.09 10.29
C LEU A 195 -0.90 15.61 10.55
N THR A 196 -1.91 16.14 11.26
CA THR A 196 -2.08 17.56 11.58
C THR A 196 -0.91 18.18 12.38
N LYS A 197 -0.51 17.54 13.49
CA LYS A 197 0.54 18.05 14.37
C LYS A 197 1.99 17.75 13.92
N LEU A 198 2.17 17.17 12.71
CA LEU A 198 3.49 16.85 12.15
C LEU A 198 4.31 18.10 11.85
N LYS A 199 5.49 18.21 12.49
CA LYS A 199 6.43 19.33 12.38
C LYS A 199 7.63 19.01 11.48
N GLU A 200 8.08 17.74 11.46
CA GLU A 200 9.23 17.30 10.66
C GLU A 200 8.94 16.04 9.85
N PHE A 201 9.47 15.96 8.62
CA PHE A 201 9.34 14.84 7.70
C PHE A 201 10.66 14.62 6.96
N SER A 202 11.21 13.40 7.04
CA SER A 202 12.48 13.03 6.40
C SER A 202 12.36 11.72 5.63
N ILE A 203 12.71 11.77 4.32
CA ILE A 203 12.69 10.63 3.39
C ILE A 203 13.96 10.56 2.52
N VAL A 204 15.13 10.80 3.14
CA VAL A 204 16.44 10.77 2.47
C VAL A 204 16.84 9.34 2.07
N ARG A 205 17.69 9.20 1.03
CA ARG A 205 18.18 7.91 0.51
C ARG A 205 17.09 6.91 0.07
N ASN A 206 16.00 7.43 -0.53
CA ASN A 206 14.87 6.65 -1.04
C ASN A 206 14.76 6.79 -2.57
N SER A 207 13.77 6.12 -3.20
CA SER A 207 13.58 6.15 -4.65
C SER A 207 12.26 6.82 -5.09
N LEU A 208 12.02 8.05 -4.62
CA LEU A 208 10.83 8.85 -4.95
C LEU A 208 11.08 9.68 -6.20
N SER A 209 10.19 9.56 -7.22
CA SER A 209 10.28 10.29 -8.49
C SER A 209 9.88 11.76 -8.36
N HIS A 210 9.07 12.08 -7.32
CA HIS A 210 8.58 13.42 -7.00
C HIS A 210 8.20 13.52 -5.51
N PRO A 211 8.08 14.74 -4.88
CA PRO A 211 7.72 14.79 -3.45
C PRO A 211 6.34 14.19 -3.14
N PRO A 212 6.12 13.62 -1.91
CA PRO A 212 4.81 13.01 -1.61
C PRO A 212 3.60 13.93 -1.79
N PRO A 213 2.57 13.51 -2.55
CA PRO A 213 1.40 14.39 -2.74
C PRO A 213 0.48 14.42 -1.53
N ASP A 214 -0.22 15.56 -1.35
CA ASP A 214 -1.17 15.84 -0.27
C ASP A 214 -0.55 15.77 1.14
N LEU A 215 0.47 16.62 1.39
CA LEU A 215 1.15 16.74 2.67
C LEU A 215 0.52 17.87 3.49
N PRO A 216 0.24 17.69 4.79
CA PRO A 216 -0.37 18.79 5.57
C PRO A 216 0.63 19.83 6.05
N GLY A 217 0.23 21.11 5.94
CA GLY A 217 1.05 22.25 6.35
C GLY A 217 0.49 23.01 7.53
N THR A 218 -0.30 22.33 8.38
CA THR A 218 -0.92 22.89 9.58
C THR A 218 0.11 23.22 10.65
N HIS A 219 1.17 22.39 10.76
CA HIS A 219 2.26 22.56 11.73
C HIS A 219 3.64 22.16 11.18
N LEU A 220 3.73 21.78 9.88
CA LEU A 220 4.98 21.36 9.24
C LEU A 220 5.99 22.50 9.10
N ILE A 221 7.19 22.29 9.66
CA ILE A 221 8.29 23.27 9.70
C ILE A 221 9.48 22.80 8.84
N ARG A 222 9.89 21.52 8.98
CA ARG A 222 11.02 20.96 8.24
C ARG A 222 10.61 19.83 7.30
N LEU A 223 11.07 19.88 6.03
CA LEU A 223 10.79 18.88 5.00
C LEU A 223 12.08 18.48 4.28
N TYR A 224 12.50 17.22 4.48
CA TYR A 224 13.72 16.68 3.89
C TYR A 224 13.44 15.72 2.74
N LEU A 225 13.84 16.11 1.52
CA LEU A 225 13.64 15.34 0.29
C LEU A 225 15.00 15.04 -0.38
N GLN A 226 16.07 14.96 0.44
CA GLN A 226 17.46 14.71 0.03
C GLN A 226 17.67 13.29 -0.50
N ASP A 227 18.78 13.08 -1.26
CA ASP A 227 19.23 11.81 -1.84
C ASP A 227 18.14 10.90 -2.46
N ASN A 228 17.16 11.53 -3.13
CA ASN A 228 16.05 10.84 -3.80
C ASN A 228 16.22 10.90 -5.33
N GLN A 229 15.33 10.23 -6.07
CA GLN A 229 15.37 10.20 -7.54
C GLN A 229 14.33 11.19 -8.13
N ILE A 230 14.12 12.33 -7.43
CA ILE A 230 13.16 13.37 -7.83
C ILE A 230 13.59 14.05 -9.13
N ASN A 231 12.81 13.83 -10.20
CA ASN A 231 13.04 14.39 -11.54
C ASN A 231 12.27 15.70 -11.74
N HIS A 232 11.04 15.76 -11.20
CA HIS A 232 10.14 16.91 -11.31
C HIS A 232 9.44 17.18 -9.98
N ILE A 233 9.01 18.43 -9.75
CA ILE A 233 8.27 18.83 -8.56
C ILE A 233 6.94 19.46 -9.01
N PRO A 234 5.77 18.87 -8.67
CA PRO A 234 4.49 19.47 -9.09
C PRO A 234 4.20 20.84 -8.47
N LEU A 235 3.35 21.63 -9.15
CA LEU A 235 2.94 22.98 -8.76
C LEU A 235 2.13 23.01 -7.45
N THR A 236 1.39 21.93 -7.17
CA THR A 236 0.54 21.78 -5.97
C THR A 236 1.26 21.10 -4.80
N ALA A 237 2.47 20.53 -5.04
CA ALA A 237 3.28 19.82 -4.03
C ALA A 237 3.65 20.67 -2.83
N PHE A 238 4.29 21.85 -3.06
CA PHE A 238 4.68 22.76 -1.99
C PHE A 238 3.56 23.69 -1.52
N ALA A 239 2.43 23.70 -2.26
CA ALA A 239 1.24 24.49 -1.93
C ALA A 239 0.57 23.92 -0.69
N ASN A 240 -0.08 24.79 0.12
CA ASN A 240 -0.76 24.47 1.38
C ASN A 240 0.21 24.00 2.48
N LEU A 241 1.46 24.52 2.46
CA LEU A 241 2.53 24.25 3.42
C LEU A 241 3.16 25.60 3.84
N ARG A 242 2.28 26.58 4.13
CA ARG A 242 2.62 27.97 4.50
C ARG A 242 3.51 28.16 5.73
N LYS A 243 3.46 27.23 6.70
CA LYS A 243 4.25 27.31 7.94
C LYS A 243 5.66 26.69 7.85
N LEU A 244 6.07 26.21 6.65
CA LEU A 244 7.38 25.58 6.43
C LEU A 244 8.52 26.59 6.52
N GLU A 245 9.57 26.24 7.28
CA GLU A 245 10.75 27.08 7.50
C GLU A 245 11.99 26.51 6.80
N ARG A 246 12.27 25.21 7.00
CA ARG A 246 13.44 24.56 6.39
C ARG A 246 13.02 23.56 5.32
N LEU A 247 13.65 23.64 4.14
CA LEU A 247 13.39 22.77 3.00
C LEU A 247 14.70 22.30 2.35
N ASP A 248 14.76 21.02 1.96
CA ASP A 248 15.94 20.43 1.34
C ASP A 248 15.58 19.54 0.15
N ILE A 249 16.01 19.93 -1.06
CA ILE A 249 15.77 19.20 -2.31
C ILE A 249 17.10 18.78 -2.99
N SER A 250 18.18 18.72 -2.21
CA SER A 250 19.52 18.36 -2.66
C SER A 250 19.67 16.88 -3.05
N ASN A 251 20.75 16.56 -3.82
CA ASN A 251 21.12 15.22 -4.29
C ASN A 251 20.02 14.46 -5.06
N ASN A 252 19.28 15.17 -5.93
CA ASN A 252 18.20 14.60 -6.75
C ASN A 252 18.50 14.77 -8.25
N GLN A 253 17.65 14.17 -9.12
CA GLN A 253 17.78 14.23 -10.57
C GLN A 253 16.93 15.35 -11.21
N LEU A 254 16.85 16.52 -10.53
CA LEU A 254 16.09 17.68 -11.00
C LEU A 254 16.82 18.45 -12.10
N ARG A 255 16.15 18.67 -13.23
CA ARG A 255 16.70 19.41 -14.39
C ARG A 255 16.32 20.88 -14.31
N MET A 256 15.11 21.19 -13.80
CA MET A 256 14.54 22.52 -13.63
C MET A 256 13.38 22.52 -12.62
N LEU A 257 12.83 23.72 -12.32
CA LEU A 257 11.70 23.89 -11.41
C LEU A 257 10.56 24.64 -12.09
N THR A 258 9.31 24.18 -11.89
CA THR A 258 8.11 24.80 -12.47
C THR A 258 7.82 26.17 -11.84
N GLN A 259 7.48 27.17 -12.69
CA GLN A 259 7.21 28.56 -12.26
C GLN A 259 6.05 28.69 -11.29
N GLY A 260 6.36 29.15 -10.08
CA GLY A 260 5.40 29.36 -9.00
C GLY A 260 5.28 28.17 -8.07
N VAL A 261 6.42 27.52 -7.76
CA VAL A 261 6.48 26.35 -6.87
C VAL A 261 6.68 26.75 -5.39
N PHE A 262 7.53 27.77 -5.14
CA PHE A 262 7.81 28.29 -3.79
C PHE A 262 6.93 29.52 -3.49
N ASP A 263 5.94 29.77 -4.36
CA ASP A 263 4.99 30.90 -4.30
C ASP A 263 4.17 30.92 -3.01
N HIS A 264 3.75 29.74 -2.52
CA HIS A 264 2.95 29.61 -1.29
C HIS A 264 3.80 29.55 -0.01
N LEU A 265 5.11 29.26 -0.15
CA LEU A 265 6.05 29.17 0.98
C LEU A 265 6.51 30.58 1.38
N SER A 266 5.71 31.23 2.25
CA SER A 266 5.97 32.59 2.75
C SER A 266 6.85 32.66 4.00
N ASN A 267 6.80 31.62 4.85
CA ASN A 267 7.58 31.54 6.08
C ASN A 267 8.90 30.76 5.93
N LEU A 268 9.38 30.59 4.68
CA LEU A 268 10.61 29.87 4.34
C LEU A 268 11.86 30.60 4.85
N LYS A 269 12.82 29.84 5.41
CA LYS A 269 14.07 30.36 5.99
C LYS A 269 15.33 29.78 5.35
N GLN A 270 15.29 28.48 4.95
CA GLN A 270 16.44 27.82 4.34
C GLN A 270 16.03 26.88 3.20
N LEU A 271 16.84 26.85 2.13
CA LEU A 271 16.64 26.02 0.95
C LEU A 271 18.00 25.49 0.44
N THR A 272 18.09 24.17 0.22
CA THR A 272 19.31 23.52 -0.25
C THR A 272 19.00 22.64 -1.47
N ALA A 273 19.72 22.88 -2.59
CA ALA A 273 19.54 22.14 -3.85
C ALA A 273 20.89 21.71 -4.48
N ARG A 274 21.86 21.35 -3.62
CA ARG A 274 23.20 20.91 -4.01
C ARG A 274 23.17 19.55 -4.72
N ASN A 275 24.14 19.30 -5.63
CA ASN A 275 24.29 18.05 -6.41
C ASN A 275 23.07 17.68 -7.27
N ASN A 276 22.55 18.66 -8.04
CA ASN A 276 21.41 18.48 -8.95
C ASN A 276 21.78 18.91 -10.37
N PRO A 277 21.45 18.12 -11.42
CA PRO A 277 21.82 18.53 -12.79
C PRO A 277 20.92 19.62 -13.36
N TRP A 278 21.11 20.87 -12.87
CA TRP A 278 20.33 22.03 -13.30
C TRP A 278 20.76 22.47 -14.70
N PHE A 279 19.85 22.36 -15.68
CA PHE A 279 20.12 22.80 -17.04
C PHE A 279 19.73 24.27 -17.15
N CYS A 280 20.73 25.14 -17.30
CA CYS A 280 20.53 26.57 -17.38
C CYS A 280 20.18 27.09 -18.76
N ASP A 281 18.88 27.26 -18.99
CA ASP A 281 18.28 27.77 -20.22
C ASP A 281 17.16 28.76 -19.86
N CYS A 282 16.21 29.03 -20.77
CA CYS A 282 15.11 29.97 -20.50
C CYS A 282 14.07 29.40 -19.51
N SER A 283 14.22 28.11 -19.13
CA SER A 283 13.34 27.43 -18.17
C SER A 283 13.59 27.91 -16.74
N ILE A 284 14.85 28.28 -16.42
CA ILE A 284 15.27 28.76 -15.11
C ILE A 284 15.32 30.31 -15.00
N LYS A 285 14.70 31.01 -15.97
CA LYS A 285 14.64 32.48 -16.03
C LYS A 285 13.92 33.03 -14.79
N TRP A 286 12.84 32.36 -14.35
CA TRP A 286 12.07 32.75 -13.16
C TRP A 286 12.89 32.54 -11.88
N VAL A 287 13.72 31.48 -11.82
CA VAL A 287 14.59 31.13 -10.68
C VAL A 287 15.61 32.25 -10.46
N THR A 288 16.19 32.78 -11.56
CA THR A 288 17.15 33.89 -11.57
C THR A 288 16.49 35.16 -11.00
N GLU A 289 15.27 35.47 -11.47
CA GLU A 289 14.49 36.63 -11.02
C GLU A 289 13.99 36.48 -9.58
N TRP A 290 13.65 35.24 -9.17
CA TRP A 290 13.18 34.90 -7.82
C TRP A 290 14.31 35.13 -6.80
N LEU A 291 15.54 34.67 -7.13
CA LEU A 291 16.74 34.81 -6.29
C LEU A 291 17.20 36.26 -6.14
N LYS A 292 16.92 37.11 -7.14
CA LYS A 292 17.30 38.53 -7.15
C LYS A 292 16.43 39.39 -6.24
N TYR A 293 15.12 39.07 -6.13
CA TYR A 293 14.17 39.82 -5.30
C TYR A 293 13.88 39.19 -3.92
N ILE A 294 14.44 37.99 -3.64
CA ILE A 294 14.25 37.28 -2.38
C ILE A 294 14.99 37.95 -1.18
N PRO A 295 14.33 38.13 0.00
CA PRO A 295 15.02 38.76 1.13
C PRO A 295 16.16 37.91 1.70
N SER A 296 17.11 38.57 2.38
CA SER A 296 18.30 37.97 3.00
C SER A 296 18.00 36.92 4.08
N SER A 297 16.75 36.91 4.62
CA SER A 297 16.27 35.96 5.63
C SER A 297 16.30 34.53 5.10
N LEU A 298 16.02 34.35 3.79
CA LEU A 298 16.03 33.06 3.11
C LEU A 298 17.46 32.67 2.73
N ASN A 299 17.93 31.51 3.20
CA ASN A 299 19.27 30.98 2.93
C ASN A 299 19.19 29.94 1.81
N VAL A 300 19.38 30.39 0.56
CA VAL A 300 19.32 29.53 -0.63
C VAL A 300 20.75 29.13 -1.07
N ARG A 301 21.01 27.81 -1.20
CA ARG A 301 22.31 27.25 -1.58
C ARG A 301 22.17 26.07 -2.55
N GLY A 302 23.13 25.94 -3.47
CA GLY A 302 23.19 24.83 -4.41
C GLY A 302 22.65 25.04 -5.82
N PHE A 303 22.24 26.28 -6.16
CA PHE A 303 21.72 26.58 -7.49
C PHE A 303 22.83 26.92 -8.49
N MET A 304 23.53 25.88 -8.98
CA MET A 304 24.62 25.99 -9.96
C MET A 304 24.31 25.26 -11.26
N CYS A 305 24.83 25.79 -12.38
CA CYS A 305 24.63 25.24 -13.71
C CYS A 305 25.55 24.06 -14.00
N GLN A 306 24.96 22.94 -14.45
CA GLN A 306 25.70 21.73 -14.82
C GLN A 306 25.71 21.56 -16.35
N GLY A 307 24.84 22.31 -17.03
CA GLY A 307 24.70 22.32 -18.48
C GLY A 307 23.92 23.52 -19.00
N PRO A 308 24.23 24.05 -20.21
CA PRO A 308 25.29 23.64 -21.15
C PRO A 308 26.67 24.13 -20.73
N GLU A 309 27.72 23.73 -21.48
CA GLU A 309 29.13 24.07 -21.23
C GLU A 309 29.42 25.59 -21.19
N GLN A 310 28.61 26.37 -21.92
CA GLN A 310 28.71 27.84 -22.00
C GLN A 310 28.30 28.50 -20.68
N VAL A 311 27.39 27.86 -19.93
CA VAL A 311 26.83 28.33 -18.66
C VAL A 311 27.35 27.54 -17.45
N ARG A 312 27.88 26.32 -17.67
CA ARG A 312 28.40 25.39 -16.65
C ARG A 312 29.36 26.02 -15.64
N GLY A 313 29.12 25.73 -14.35
CA GLY A 313 29.91 26.23 -13.24
C GLY A 313 29.34 27.46 -12.55
N MET A 314 28.64 28.31 -13.32
CA MET A 314 28.04 29.56 -12.83
C MET A 314 26.80 29.31 -11.98
N ALA A 315 26.53 30.24 -11.03
CA ALA A 315 25.36 30.19 -10.16
C ALA A 315 24.17 30.84 -10.86
N VAL A 316 22.96 30.25 -10.68
CA VAL A 316 21.69 30.69 -11.27
C VAL A 316 21.36 32.16 -10.92
N ARG A 317 21.61 32.57 -9.66
CA ARG A 317 21.39 33.93 -9.13
C ARG A 317 22.23 35.00 -9.86
N GLU A 318 23.48 34.65 -10.24
CA GLU A 318 24.43 35.55 -10.92
C GLU A 318 24.24 35.64 -12.44
N LEU A 319 23.24 34.92 -13.00
CA LEU A 319 22.98 34.85 -14.44
C LEU A 319 22.23 36.03 -15.07
N ASN A 320 22.29 36.11 -16.43
CA ASN A 320 21.63 37.12 -17.27
C ASN A 320 21.34 36.49 -18.65
N MET A 321 20.10 36.66 -19.15
CA MET A 321 19.68 36.13 -20.45
C MET A 321 19.06 37.20 -21.32
N SER A 325 20.35 35.73 -24.04
CA SER A 325 20.23 34.41 -24.65
C SER A 325 18.83 34.13 -25.17
N CYS A 326 17.81 34.60 -24.43
CA CYS A 326 16.40 34.40 -24.75
C CYS A 326 15.56 35.63 -24.25
N PRO A 327 14.28 35.80 -24.65
CA PRO A 327 13.52 36.98 -24.19
C PRO A 327 13.24 36.98 -22.68
N THR B 50 8.49 -22.31 4.91
CA THR B 50 9.65 -22.28 5.80
C THR B 50 10.51 -21.00 5.65
N LEU B 51 11.43 -20.79 6.60
CA LEU B 51 12.36 -19.64 6.61
C LEU B 51 13.45 -19.83 5.53
N PRO B 52 14.12 -18.76 5.03
CA PRO B 52 15.16 -18.99 4.01
C PRO B 52 16.44 -19.58 4.61
N HIS B 53 17.04 -20.55 3.90
CA HIS B 53 18.31 -21.18 4.25
C HIS B 53 19.29 -20.74 3.19
N PHE B 54 20.50 -20.37 3.61
CA PHE B 54 21.52 -19.93 2.67
C PHE B 54 22.29 -21.07 2.03
N ILE B 55 22.31 -21.09 0.70
CA ILE B 55 23.08 -22.05 -0.10
C ILE B 55 24.49 -21.47 -0.17
N GLU B 56 24.58 -20.13 -0.36
CA GLU B 56 25.84 -19.40 -0.41
C GLU B 56 25.73 -18.14 0.44
N GLU B 57 26.63 -18.03 1.43
CA GLU B 57 26.74 -16.88 2.33
C GLU B 57 27.93 -16.02 1.86
N PRO B 58 27.94 -14.68 2.08
CA PRO B 58 29.11 -13.90 1.63
C PRO B 58 30.40 -14.26 2.37
N GLU B 59 31.49 -14.38 1.61
CA GLU B 59 32.81 -14.75 2.11
C GLU B 59 33.65 -13.49 2.40
N ASP B 60 34.65 -13.59 3.31
CA ASP B 60 35.56 -12.51 3.63
C ASP B 60 36.45 -12.24 2.42
N ALA B 61 36.44 -10.99 1.92
CA ALA B 61 37.17 -10.61 0.72
C ALA B 61 38.31 -9.63 0.95
N TYR B 62 39.30 -9.67 0.06
CA TYR B 62 40.48 -8.82 0.11
C TYR B 62 40.68 -8.10 -1.22
N ILE B 63 40.88 -6.78 -1.16
CA ILE B 63 41.09 -5.95 -2.35
C ILE B 63 42.60 -5.77 -2.57
N ILE B 64 43.12 -6.41 -3.62
CA ILE B 64 44.54 -6.39 -4.00
C ILE B 64 44.65 -5.80 -5.41
N LYS B 65 45.52 -4.76 -5.58
CA LYS B 65 45.77 -4.03 -6.82
C LYS B 65 44.55 -3.24 -7.34
N SER B 66 43.70 -2.77 -6.41
CA SER B 66 42.50 -1.94 -6.59
C SER B 66 41.27 -2.52 -7.31
N ASN B 67 41.37 -3.75 -7.86
CA ASN B 67 40.24 -4.40 -8.55
C ASN B 67 39.05 -4.58 -7.60
N PRO B 68 37.85 -4.02 -7.93
CA PRO B 68 36.70 -4.14 -7.01
C PRO B 68 36.21 -5.57 -6.82
N ILE B 69 36.07 -6.00 -5.56
CA ILE B 69 35.61 -7.34 -5.20
C ILE B 69 34.08 -7.44 -5.29
N ALA B 70 33.57 -8.68 -5.33
CA ALA B 70 32.14 -8.97 -5.37
C ALA B 70 31.78 -9.91 -4.22
N LEU B 71 30.64 -9.64 -3.56
CA LEU B 71 30.15 -10.47 -2.46
C LEU B 71 28.92 -11.22 -2.97
N ARG B 72 28.92 -12.55 -2.81
CA ARG B 72 27.88 -13.47 -3.29
C ARG B 72 26.94 -13.92 -2.18
N CYS B 73 25.64 -14.03 -2.51
CA CYS B 73 24.61 -14.48 -1.58
C CYS B 73 23.52 -15.26 -2.32
N LYS B 74 23.17 -16.46 -1.82
CA LYS B 74 22.15 -17.33 -2.41
C LYS B 74 21.30 -17.97 -1.31
N ALA B 75 19.97 -17.78 -1.36
CA ALA B 75 19.04 -18.33 -0.36
C ALA B 75 17.76 -18.91 -0.98
N ARG B 76 17.21 -19.96 -0.33
CA ARG B 76 16.00 -20.68 -0.73
C ARG B 76 15.21 -21.12 0.51
N PRO B 77 13.89 -20.81 0.63
CA PRO B 77 13.05 -20.03 -0.28
C PRO B 77 13.21 -18.51 -0.09
N ALA B 78 13.39 -17.77 -1.19
CA ALA B 78 13.55 -16.32 -1.13
C ALA B 78 12.82 -15.56 -2.24
N MET B 79 12.04 -14.55 -1.83
CA MET B 79 11.29 -13.66 -2.73
C MET B 79 12.05 -12.34 -2.91
N GLN B 80 12.82 -11.93 -1.88
CA GLN B 80 13.62 -10.71 -1.86
C GLN B 80 14.87 -10.91 -1.03
N ILE B 81 16.01 -10.40 -1.54
CA ILE B 81 17.31 -10.45 -0.87
C ILE B 81 17.98 -9.08 -0.98
N PHE B 82 18.40 -8.51 0.16
CA PHE B 82 19.09 -7.22 0.23
C PHE B 82 20.34 -7.29 1.08
N PHE B 83 21.37 -6.54 0.66
CA PHE B 83 22.63 -6.45 1.39
C PHE B 83 22.60 -5.25 2.33
N LYS B 84 23.21 -5.41 3.50
CA LYS B 84 23.32 -4.38 4.52
C LYS B 84 24.81 -4.26 4.83
N CYS B 85 25.41 -3.11 4.52
CA CYS B 85 26.84 -2.88 4.77
C CYS B 85 27.03 -1.85 5.86
N ASN B 86 27.74 -2.25 6.94
CA ASN B 86 28.06 -1.42 8.10
C ASN B 86 26.82 -0.84 8.82
N GLY B 87 25.80 -1.67 8.98
CA GLY B 87 24.54 -1.30 9.62
C GLY B 87 23.66 -0.38 8.80
N GLU B 88 23.90 -0.34 7.47
CA GLU B 88 23.14 0.49 6.54
C GLU B 88 22.80 -0.31 5.29
N TRP B 89 21.53 -0.24 4.84
CA TRP B 89 21.03 -0.95 3.67
C TRP B 89 21.63 -0.44 2.38
N VAL B 90 22.11 -1.37 1.53
CA VAL B 90 22.69 -1.07 0.22
C VAL B 90 21.53 -0.77 -0.74
N HIS B 91 21.70 0.24 -1.61
CA HIS B 91 20.70 0.66 -2.60
C HIS B 91 20.40 -0.47 -3.58
N GLN B 92 19.12 -0.61 -3.98
CA GLN B 92 18.62 -1.64 -4.90
C GLN B 92 19.36 -1.66 -6.25
N ASN B 93 19.74 -0.47 -6.75
CA ASN B 93 20.46 -0.28 -8.01
C ASN B 93 21.85 -0.91 -7.99
N GLU B 94 22.47 -1.03 -6.80
CA GLU B 94 23.79 -1.63 -6.61
C GLU B 94 23.73 -3.17 -6.58
N HIS B 95 22.52 -3.75 -6.44
CA HIS B 95 22.30 -5.21 -6.40
C HIS B 95 22.10 -5.81 -7.79
N VAL B 96 22.78 -6.93 -8.07
CA VAL B 96 22.64 -7.69 -9.32
C VAL B 96 21.97 -9.01 -8.89
N SER B 97 20.66 -9.14 -9.17
CA SER B 97 19.86 -10.29 -8.75
C SER B 97 19.61 -11.37 -9.81
N GLU B 98 19.33 -12.60 -9.35
CA GLU B 98 19.07 -13.78 -10.17
C GLU B 98 17.94 -14.59 -9.50
N GLU B 99 16.77 -14.67 -10.13
CA GLU B 99 15.63 -15.43 -9.62
C GLU B 99 15.41 -16.67 -10.48
N SER B 100 15.58 -17.85 -9.88
CA SER B 100 15.41 -19.11 -10.60
C SER B 100 14.56 -20.10 -9.83
N LEU B 101 13.69 -20.84 -10.55
CA LEU B 101 12.84 -21.87 -9.96
C LEU B 101 13.70 -23.11 -9.76
N ASP B 102 13.72 -23.63 -8.51
CA ASP B 102 14.51 -24.81 -8.15
C ASP B 102 14.04 -26.05 -8.90
N GLU B 103 14.99 -26.82 -9.47
CA GLU B 103 14.71 -28.04 -10.21
C GLU B 103 14.13 -29.12 -9.28
N SER B 104 14.48 -29.03 -7.98
CA SER B 104 14.03 -29.95 -6.95
C SER B 104 12.57 -29.68 -6.56
N SER B 105 12.30 -28.55 -5.88
CA SER B 105 10.96 -28.15 -5.44
C SER B 105 10.50 -26.87 -6.12
N GLY B 106 9.18 -26.64 -6.11
CA GLY B 106 8.57 -25.44 -6.71
C GLY B 106 8.94 -24.12 -6.05
N LEU B 107 9.85 -24.17 -5.05
CA LEU B 107 10.36 -23.04 -4.27
C LEU B 107 11.30 -22.18 -5.12
N LYS B 108 11.19 -20.84 -4.98
CA LYS B 108 12.00 -19.88 -5.71
C LYS B 108 13.36 -19.64 -5.06
N VAL B 109 14.43 -19.75 -5.86
CA VAL B 109 15.82 -19.55 -5.43
C VAL B 109 16.29 -18.17 -5.91
N ARG B 110 16.86 -17.37 -5.00
CA ARG B 110 17.35 -16.04 -5.31
C ARG B 110 18.85 -15.90 -5.03
N GLU B 111 19.60 -15.38 -6.02
CA GLU B 111 21.05 -15.16 -5.94
C GLU B 111 21.33 -13.67 -6.20
N VAL B 112 22.05 -13.01 -5.27
CA VAL B 112 22.37 -11.58 -5.37
C VAL B 112 23.87 -11.32 -5.18
N PHE B 113 24.42 -10.38 -5.99
CA PHE B 113 25.81 -9.94 -5.97
C PHE B 113 25.88 -8.42 -5.80
N ILE B 114 26.84 -7.94 -4.99
CA ILE B 114 27.13 -6.50 -4.81
C ILE B 114 28.62 -6.27 -4.98
N ASN B 115 29.00 -5.15 -5.59
CA ASN B 115 30.41 -4.81 -5.77
C ASN B 115 30.85 -3.85 -4.68
N VAL B 116 32.06 -4.09 -4.13
CA VAL B 116 32.67 -3.25 -3.10
C VAL B 116 34.03 -2.79 -3.63
N THR B 117 34.18 -1.46 -3.82
CA THR B 117 35.39 -0.83 -4.35
C THR B 117 36.41 -0.51 -3.25
N ARG B 118 37.67 -0.21 -3.66
CA ARG B 118 38.76 0.18 -2.77
C ARG B 118 38.42 1.53 -2.12
N GLN B 119 37.75 2.43 -2.87
CA GLN B 119 37.31 3.75 -2.42
C GLN B 119 36.30 3.66 -1.29
N GLN B 120 35.30 2.73 -1.39
CA GLN B 120 34.27 2.53 -0.37
C GLN B 120 34.88 2.12 0.98
N VAL B 121 35.91 1.26 0.95
CA VAL B 121 36.62 0.76 2.14
C VAL B 121 37.47 1.85 2.80
N GLU B 122 38.27 2.59 2.00
CA GLU B 122 39.09 3.68 2.54
C GLU B 122 38.32 4.93 2.98
N ASP B 123 37.07 5.12 2.46
CA ASP B 123 36.18 6.23 2.82
C ASP B 123 35.43 5.94 4.12
N PHE B 124 35.25 4.65 4.46
CA PHE B 124 34.55 4.23 5.67
C PHE B 124 35.50 4.33 6.88
N HIS B 125 35.10 5.12 7.89
CA HIS B 125 35.88 5.34 9.11
C HIS B 125 35.10 4.88 10.34
N GLY B 126 35.07 3.57 10.56
CA GLY B 126 34.38 2.95 11.67
C GLY B 126 35.32 2.24 12.63
N PRO B 127 34.85 1.88 13.86
CA PRO B 127 35.73 1.19 14.81
C PRO B 127 36.17 -0.21 14.37
N GLU B 128 35.32 -0.89 13.58
CA GLU B 128 35.60 -2.24 13.05
C GLU B 128 35.76 -2.23 11.53
N ASP B 129 36.30 -3.33 10.96
CA ASP B 129 36.51 -3.50 9.52
C ASP B 129 35.20 -3.42 8.74
N TYR B 130 35.27 -2.93 7.49
CA TYR B 130 34.13 -2.82 6.57
C TYR B 130 33.46 -4.19 6.46
N TRP B 131 32.16 -4.26 6.78
CA TRP B 131 31.43 -5.52 6.73
C TRP B 131 30.11 -5.41 6.00
N CYS B 132 29.68 -6.51 5.39
CA CYS B 132 28.42 -6.61 4.67
C CYS B 132 27.69 -7.88 5.07
N GLN B 133 26.39 -7.76 5.34
CA GLN B 133 25.52 -8.85 5.74
C GLN B 133 24.40 -8.99 4.75
N CYS B 134 24.05 -10.23 4.41
CA CYS B 134 22.98 -10.54 3.48
C CYS B 134 21.71 -10.96 4.26
N VAL B 135 20.57 -10.32 3.92
CA VAL B 135 19.27 -10.59 4.57
C VAL B 135 18.28 -11.13 3.52
N ALA B 136 17.70 -12.32 3.79
CA ALA B 136 16.75 -12.95 2.89
C ALA B 136 15.33 -12.89 3.41
N TRP B 137 14.34 -12.76 2.50
CA TRP B 137 12.92 -12.68 2.83
C TRP B 137 12.11 -13.84 2.29
N SER B 138 11.28 -14.44 3.15
CA SER B 138 10.38 -15.55 2.84
C SER B 138 8.94 -15.10 3.04
N HIS B 139 7.97 -15.93 2.60
CA HIS B 139 6.52 -15.66 2.74
C HIS B 139 6.08 -15.54 4.21
N LEU B 140 6.82 -16.19 5.13
CA LEU B 140 6.52 -16.19 6.57
C LEU B 140 7.54 -15.51 7.51
N GLY B 141 8.77 -15.31 7.05
CA GLY B 141 9.80 -14.68 7.87
C GLY B 141 11.07 -14.25 7.17
N THR B 142 12.10 -13.90 7.98
CA THR B 142 13.41 -13.43 7.54
C THR B 142 14.58 -14.28 8.08
N SER B 143 15.75 -14.19 7.42
CA SER B 143 16.98 -14.87 7.84
C SER B 143 18.20 -14.03 7.46
N LYS B 144 19.12 -13.84 8.40
CA LYS B 144 20.33 -13.05 8.21
C LYS B 144 21.55 -13.96 8.10
N SER B 145 22.42 -13.68 7.12
CA SER B 145 23.64 -14.46 6.91
C SER B 145 24.76 -13.97 7.84
N ARG B 146 25.95 -14.55 7.72
CA ARG B 146 27.11 -14.13 8.51
C ARG B 146 27.64 -12.77 8.02
N LYS B 147 28.32 -12.03 8.90
CA LYS B 147 28.90 -10.74 8.56
C LYS B 147 30.22 -11.01 7.83
N ALA B 148 30.29 -10.63 6.55
CA ALA B 148 31.49 -10.82 5.73
C ALA B 148 32.34 -9.56 5.72
N SER B 149 33.60 -9.68 6.16
CA SER B 149 34.56 -8.57 6.24
C SER B 149 35.27 -8.33 4.91
N VAL B 150 35.48 -7.05 4.59
CA VAL B 150 36.21 -6.63 3.38
C VAL B 150 37.30 -5.62 3.74
N ARG B 151 38.55 -6.06 3.61
CA ARG B 151 39.75 -5.32 3.96
C ARG B 151 40.69 -5.16 2.77
N ILE B 152 41.39 -4.01 2.71
CA ILE B 152 42.39 -3.72 1.67
C ILE B 152 43.71 -4.41 2.05
N ALA B 153 44.37 -5.04 1.08
CA ALA B 153 45.64 -5.72 1.29
C ALA B 153 46.65 -5.32 0.22
N TYR B 154 47.83 -4.86 0.65
CA TYR B 154 48.92 -4.42 -0.22
C TYR B 154 49.98 -5.51 -0.37
N LEU B 155 50.54 -5.67 -1.59
CA LEU B 155 51.58 -6.67 -1.86
C LEU B 155 52.96 -6.11 -1.55
N CYS C 2 -47.74 -8.19 14.45
CA CYS C 2 -47.57 -7.60 13.13
C CYS C 2 -47.92 -6.09 13.10
N PRO C 3 -47.24 -5.26 12.26
CA PRO C 3 -47.51 -3.82 12.27
C PRO C 3 -48.83 -3.39 11.64
N SER C 4 -49.22 -2.11 11.86
CA SER C 4 -50.46 -1.51 11.37
C SER C 4 -50.49 -1.33 9.84
N VAL C 5 -49.40 -0.77 9.27
CA VAL C 5 -49.27 -0.52 7.82
C VAL C 5 -48.59 -1.69 7.08
N CYS C 6 -47.69 -2.40 7.76
CA CYS C 6 -46.93 -3.53 7.21
C CYS C 6 -47.69 -4.85 7.39
N ARG C 7 -47.78 -5.65 6.30
CA ARG C 7 -48.48 -6.94 6.29
C ARG C 7 -47.55 -8.14 6.46
N CYS C 8 -48.10 -9.27 6.98
CA CYS C 8 -47.39 -10.52 7.23
C CYS C 8 -48.19 -11.73 6.75
N ASP C 9 -47.56 -12.64 5.99
CA ASP C 9 -48.20 -13.85 5.46
C ASP C 9 -47.26 -15.05 5.48
N ARG C 10 -47.77 -16.20 6.00
CA ARG C 10 -47.08 -17.50 6.11
C ARG C 10 -45.70 -17.43 6.79
N ASN C 11 -45.60 -16.63 7.88
CA ASN C 11 -44.38 -16.38 8.67
C ASN C 11 -43.28 -15.63 7.90
N PHE C 12 -43.71 -14.68 7.04
CA PHE C 12 -42.85 -13.79 6.25
C PHE C 12 -43.38 -12.37 6.38
N VAL C 13 -42.52 -11.43 6.81
CA VAL C 13 -42.88 -10.03 7.03
C VAL C 13 -42.63 -9.20 5.75
N TYR C 14 -43.72 -8.64 5.18
CA TYR C 14 -43.67 -7.84 3.95
C TYR C 14 -43.87 -6.34 4.23
N CYS C 15 -42.78 -5.64 4.61
CA CYS C 15 -42.79 -4.19 4.88
C CYS C 15 -42.34 -3.41 3.64
N ASN C 16 -42.00 -4.13 2.55
CA ASN C 16 -41.52 -3.59 1.28
C ASN C 16 -42.55 -2.76 0.51
N GLU C 17 -42.06 -1.70 -0.18
CA GLU C 17 -42.82 -0.76 -1.01
C GLU C 17 -43.99 -0.09 -0.24
N ARG C 18 -43.72 0.34 1.00
CA ARG C 18 -44.70 0.98 1.88
C ARG C 18 -44.29 2.37 2.38
N SER C 19 -43.14 2.89 1.86
CA SER C 19 -42.54 4.20 2.18
C SER C 19 -42.33 4.47 3.68
N LEU C 20 -41.86 3.44 4.42
CA LEU C 20 -41.59 3.51 5.85
C LEU C 20 -40.35 4.34 6.16
N THR C 21 -40.48 5.29 7.10
CA THR C 21 -39.39 6.17 7.53
C THR C 21 -38.43 5.42 8.47
N SER C 22 -38.95 4.43 9.21
CA SER C 22 -38.21 3.59 10.15
C SER C 22 -38.71 2.14 10.14
N VAL C 23 -37.91 1.20 10.68
CA VAL C 23 -38.25 -0.23 10.77
C VAL C 23 -39.35 -0.40 11.85
N PRO C 24 -40.51 -1.04 11.52
CA PRO C 24 -41.58 -1.17 12.52
C PRO C 24 -41.24 -1.97 13.78
N LEU C 25 -41.94 -1.65 14.88
CA LEU C 25 -41.77 -2.27 16.20
C LEU C 25 -42.36 -3.67 16.28
N GLY C 26 -43.56 -3.85 15.74
CA GLY C 26 -44.29 -5.10 15.75
C GLY C 26 -43.76 -6.20 14.86
N ILE C 27 -42.58 -6.76 15.22
CA ILE C 27 -41.96 -7.85 14.47
C ILE C 27 -42.16 -9.15 15.28
N PRO C 28 -42.86 -10.17 14.72
CA PRO C 28 -43.09 -11.41 15.48
C PRO C 28 -41.82 -12.21 15.78
N GLU C 29 -41.86 -12.98 16.89
CA GLU C 29 -40.76 -13.79 17.42
C GLU C 29 -40.26 -14.91 16.49
N GLY C 30 -41.16 -15.60 15.80
CA GLY C 30 -40.84 -16.71 14.93
C GLY C 30 -41.03 -16.46 13.45
N VAL C 31 -40.22 -15.54 12.87
CA VAL C 31 -40.27 -15.19 11.44
C VAL C 31 -39.01 -15.69 10.74
N THR C 32 -39.17 -16.25 9.52
CA THR C 32 -38.09 -16.80 8.70
C THR C 32 -37.33 -15.69 7.95
N VAL C 33 -37.99 -15.03 6.97
CA VAL C 33 -37.41 -13.97 6.13
C VAL C 33 -38.12 -12.63 6.37
N LEU C 34 -37.34 -11.54 6.47
CA LEU C 34 -37.82 -10.17 6.69
C LEU C 34 -37.58 -9.30 5.46
N TYR C 35 -38.65 -8.72 4.89
CA TYR C 35 -38.58 -7.85 3.70
C TYR C 35 -38.83 -6.40 4.08
N LEU C 36 -37.80 -5.54 3.94
CA LEU C 36 -37.88 -4.11 4.28
C LEU C 36 -37.32 -3.21 3.15
N HIS C 37 -37.17 -3.79 1.95
CA HIS C 37 -36.62 -3.12 0.76
C HIS C 37 -37.58 -2.11 0.11
N ASN C 38 -37.03 -1.25 -0.78
CA ASN C 38 -37.74 -0.20 -1.54
C ASN C 38 -38.57 0.77 -0.67
N ASN C 39 -37.96 1.20 0.45
CA ASN C 39 -38.53 2.14 1.42
C ASN C 39 -37.58 3.33 1.63
N GLN C 40 -37.93 4.25 2.56
CA GLN C 40 -37.11 5.42 2.89
C GLN C 40 -36.59 5.34 4.33
N ILE C 41 -36.15 4.13 4.75
CA ILE C 41 -35.63 3.84 6.09
C ILE C 41 -34.27 4.52 6.32
N ASN C 42 -34.19 5.35 7.37
CA ASN C 42 -32.98 6.07 7.77
C ASN C 42 -32.13 5.22 8.74
N ASN C 43 -30.87 5.66 8.99
CA ASN C 43 -29.92 4.98 9.87
C ASN C 43 -30.33 4.95 11.35
N ALA C 44 -31.10 5.96 11.81
CA ALA C 44 -31.58 6.08 13.19
C ALA C 44 -33.03 5.54 13.36
N GLY C 45 -33.42 4.62 12.50
CA GLY C 45 -34.75 4.01 12.52
C GLY C 45 -34.74 2.51 12.78
N PHE C 46 -33.87 2.06 13.70
CA PHE C 46 -33.73 0.64 14.07
C PHE C 46 -33.91 0.43 15.58
N PRO C 47 -35.05 -0.17 16.03
CA PRO C 47 -35.24 -0.39 17.48
C PRO C 47 -34.39 -1.53 18.05
N ALA C 48 -34.02 -1.42 19.34
CA ALA C 48 -33.20 -2.40 20.07
C ALA C 48 -33.87 -3.78 20.16
N GLU C 49 -35.22 -3.81 20.10
CA GLU C 49 -36.04 -5.02 20.15
C GLU C 49 -35.92 -5.92 18.91
N LEU C 50 -35.45 -5.36 17.77
CA LEU C 50 -35.24 -6.07 16.50
C LEU C 50 -34.07 -7.06 16.62
N HIS C 51 -33.04 -6.71 17.41
CA HIS C 51 -31.86 -7.54 17.66
C HIS C 51 -32.21 -8.77 18.52
N ASN C 52 -33.26 -8.64 19.36
CA ASN C 52 -33.75 -9.71 20.25
C ASN C 52 -34.37 -10.88 19.50
N VAL C 53 -34.89 -10.64 18.28
CA VAL C 53 -35.51 -11.66 17.41
C VAL C 53 -34.38 -12.57 16.88
N GLN C 54 -34.44 -13.86 17.22
CA GLN C 54 -33.40 -14.84 16.86
C GLN C 54 -33.79 -15.80 15.73
N SER C 55 -35.08 -15.83 15.33
CA SER C 55 -35.58 -16.72 14.28
C SER C 55 -35.25 -16.28 12.85
N VAL C 56 -35.08 -14.95 12.62
CA VAL C 56 -34.79 -14.39 11.30
C VAL C 56 -33.35 -14.69 10.87
N HIS C 57 -33.18 -15.20 9.63
CA HIS C 57 -31.86 -15.52 9.04
C HIS C 57 -31.62 -14.84 7.68
N THR C 58 -32.67 -14.24 7.08
CA THR C 58 -32.56 -13.53 5.79
C THR C 58 -33.29 -12.19 5.88
N VAL C 59 -32.56 -11.08 5.66
CA VAL C 59 -33.12 -9.71 5.71
C VAL C 59 -32.77 -8.93 4.44
N TYR C 60 -33.80 -8.35 3.80
CA TYR C 60 -33.68 -7.54 2.59
C TYR C 60 -33.89 -6.07 2.93
N LEU C 61 -32.88 -5.23 2.65
CA LEU C 61 -32.92 -3.78 2.93
C LEU C 61 -32.32 -2.99 1.76
N TYR C 62 -32.78 -3.28 0.53
CA TYR C 62 -32.27 -2.59 -0.65
C TYR C 62 -33.09 -1.38 -1.12
N GLY C 63 -32.38 -0.33 -1.54
CA GLY C 63 -32.97 0.91 -2.02
C GLY C 63 -33.56 1.78 -0.92
N ASN C 64 -32.76 2.06 0.12
CA ASN C 64 -33.18 2.87 1.27
C ASN C 64 -32.37 4.18 1.39
N GLN C 65 -32.67 4.98 2.44
CA GLN C 65 -31.99 6.26 2.70
C GLN C 65 -30.94 6.15 3.83
N LEU C 66 -30.35 4.95 3.98
CA LEU C 66 -29.33 4.64 4.99
C LEU C 66 -27.99 5.31 4.66
N ASP C 67 -27.29 5.81 5.70
CA ASP C 67 -25.99 6.47 5.56
C ASP C 67 -24.84 5.68 6.21
N GLU C 68 -25.17 4.85 7.22
CA GLU C 68 -24.22 4.02 7.96
C GLU C 68 -24.71 2.56 7.99
N PHE C 69 -23.84 1.61 8.43
CA PHE C 69 -24.21 0.20 8.55
C PHE C 69 -25.23 0.07 9.70
N PRO C 70 -26.43 -0.51 9.45
CA PRO C 70 -27.45 -0.57 10.50
C PRO C 70 -27.08 -1.32 11.77
N MET C 71 -27.53 -0.77 12.90
CA MET C 71 -27.36 -1.31 14.25
C MET C 71 -28.64 -2.02 14.66
N ASN C 72 -28.57 -2.84 15.74
CA ASN C 72 -29.68 -3.60 16.32
C ASN C 72 -30.43 -4.55 15.36
N LEU C 73 -29.73 -5.06 14.33
CA LEU C 73 -30.26 -6.01 13.36
C LEU C 73 -30.43 -7.39 14.03
N PRO C 74 -31.37 -8.26 13.59
CA PRO C 74 -31.52 -9.57 14.27
C PRO C 74 -30.23 -10.39 14.39
N LYS C 75 -29.94 -10.80 15.63
CA LYS C 75 -28.75 -11.54 16.09
C LYS C 75 -28.29 -12.71 15.21
N ASN C 76 -29.21 -13.61 14.82
CA ASN C 76 -28.87 -14.79 14.03
C ASN C 76 -29.19 -14.71 12.52
N VAL C 77 -28.89 -13.56 11.89
CA VAL C 77 -29.11 -13.36 10.45
C VAL C 77 -27.91 -13.87 9.66
N ARG C 78 -28.17 -14.77 8.69
CA ARG C 78 -27.15 -15.38 7.82
C ARG C 78 -26.93 -14.52 6.56
N VAL C 79 -28.01 -14.28 5.78
CA VAL C 79 -27.98 -13.50 4.54
C VAL C 79 -28.56 -12.11 4.76
N LEU C 80 -27.78 -11.06 4.41
CA LEU C 80 -28.19 -9.66 4.57
C LEU C 80 -27.93 -8.86 3.29
N HIS C 81 -28.99 -8.23 2.77
CA HIS C 81 -28.96 -7.41 1.55
C HIS C 81 -29.08 -5.93 1.93
N LEU C 82 -28.07 -5.13 1.60
CA LEU C 82 -28.02 -3.69 1.90
C LEU C 82 -27.57 -2.87 0.68
N GLN C 83 -27.91 -3.35 -0.53
CA GLN C 83 -27.55 -2.69 -1.78
C GLN C 83 -28.46 -1.50 -2.16
N GLU C 84 -28.06 -0.73 -3.20
CA GLU C 84 -28.78 0.43 -3.75
C GLU C 84 -29.05 1.64 -2.83
N ASN C 85 -28.49 1.63 -1.60
CA ASN C 85 -28.64 2.75 -0.65
C ASN C 85 -27.41 3.69 -0.65
N ASN C 86 -27.32 4.63 0.32
CA ASN C 86 -26.22 5.60 0.38
C ASN C 86 -25.29 5.40 1.60
N ILE C 87 -24.91 4.14 1.89
CA ILE C 87 -24.01 3.82 3.01
C ILE C 87 -22.60 4.35 2.74
N GLN C 88 -22.04 5.11 3.70
CA GLN C 88 -20.71 5.71 3.60
C GLN C 88 -19.78 5.20 4.71
N THR C 89 -20.31 5.01 5.94
CA THR C 89 -19.56 4.57 7.12
C THR C 89 -19.92 3.12 7.53
N ILE C 90 -18.88 2.32 7.80
CA ILE C 90 -18.98 0.93 8.27
C ILE C 90 -18.38 0.89 9.67
N SER C 91 -19.24 0.65 10.68
CA SER C 91 -18.82 0.61 12.09
C SER C 91 -18.48 -0.79 12.59
N ARG C 92 -17.48 -0.86 13.49
CA ARG C 92 -16.98 -2.08 14.11
C ARG C 92 -18.01 -2.71 15.06
N ALA C 93 -18.80 -1.84 15.73
CA ALA C 93 -19.84 -2.24 16.69
C ALA C 93 -21.06 -2.90 16.06
N ALA C 94 -21.46 -2.45 14.85
CA ALA C 94 -22.61 -2.97 14.12
C ALA C 94 -22.40 -4.39 13.59
N LEU C 95 -21.19 -4.69 13.07
CA LEU C 95 -20.84 -6.02 12.55
C LEU C 95 -20.51 -7.01 13.68
N ALA C 96 -20.30 -6.49 14.91
CA ALA C 96 -20.03 -7.28 16.11
C ALA C 96 -21.34 -7.89 16.65
N GLN C 97 -22.49 -7.28 16.29
CA GLN C 97 -23.83 -7.72 16.68
C GLN C 97 -24.24 -8.96 15.88
N LEU C 98 -24.02 -8.92 14.54
CA LEU C 98 -24.33 -10.02 13.61
C LEU C 98 -23.18 -11.03 13.59
N LEU C 99 -23.13 -11.89 14.62
CA LEU C 99 -22.09 -12.91 14.79
C LEU C 99 -22.30 -14.14 13.88
N LYS C 100 -23.54 -14.37 13.42
CA LYS C 100 -23.89 -15.49 12.55
C LYS C 100 -24.09 -15.11 11.07
N LEU C 101 -23.61 -13.90 10.69
CA LEU C 101 -23.69 -13.36 9.33
C LEU C 101 -22.78 -14.15 8.38
N GLU C 102 -23.37 -14.78 7.35
CA GLU C 102 -22.66 -15.58 6.36
C GLU C 102 -22.51 -14.89 5.01
N GLU C 103 -23.59 -14.22 4.53
CA GLU C 103 -23.62 -13.52 3.25
C GLU C 103 -23.99 -12.04 3.45
N LEU C 104 -23.21 -11.14 2.84
CA LEU C 104 -23.42 -9.69 2.93
C LEU C 104 -23.27 -9.01 1.58
N HIS C 105 -24.25 -8.16 1.23
CA HIS C 105 -24.28 -7.41 -0.02
C HIS C 105 -24.33 -5.91 0.27
N LEU C 106 -23.26 -5.19 -0.07
CA LEU C 106 -23.15 -3.74 0.12
C LEU C 106 -22.94 -3.00 -1.20
N ASP C 107 -23.52 -3.56 -2.30
CA ASP C 107 -23.44 -3.06 -3.67
C ASP C 107 -24.12 -1.69 -3.85
N ASP C 108 -23.72 -0.94 -4.90
CA ASP C 108 -24.27 0.38 -5.26
C ASP C 108 -24.32 1.42 -4.11
N ASN C 109 -23.25 1.48 -3.28
CA ASN C 109 -23.18 2.42 -2.16
C ASN C 109 -21.97 3.37 -2.27
N SER C 110 -21.89 4.36 -1.35
CA SER C 110 -20.81 5.35 -1.32
C SER C 110 -19.76 5.05 -0.23
N ILE C 111 -19.43 3.75 -0.04
CA ILE C 111 -18.48 3.25 0.95
C ILE C 111 -17.03 3.60 0.56
N SER C 112 -16.32 4.30 1.46
CA SER C 112 -14.91 4.70 1.28
C SER C 112 -14.01 3.99 2.31
N THR C 113 -12.68 4.04 2.11
CA THR C 113 -11.67 3.43 2.98
C THR C 113 -11.72 4.02 4.39
N VAL C 114 -11.92 5.35 4.51
CA VAL C 114 -12.01 6.09 5.77
C VAL C 114 -13.30 5.68 6.53
N GLY C 115 -14.39 5.47 5.80
CA GLY C 115 -15.69 5.06 6.32
C GLY C 115 -15.66 3.71 7.02
N VAL C 116 -14.86 2.77 6.51
CA VAL C 116 -14.70 1.44 7.10
C VAL C 116 -13.76 1.55 8.29
N GLU C 117 -14.26 1.20 9.49
CA GLU C 117 -13.47 1.24 10.73
C GLU C 117 -12.44 0.12 10.71
N ASP C 118 -11.26 0.35 11.33
CA ASP C 118 -10.16 -0.62 11.38
C ASP C 118 -10.58 -1.93 12.07
N GLY C 119 -10.75 -2.96 11.26
CA GLY C 119 -11.16 -4.29 11.70
C GLY C 119 -12.66 -4.43 11.94
N ALA C 120 -13.49 -3.73 11.12
CA ALA C 120 -14.94 -3.77 11.23
C ALA C 120 -15.51 -5.09 10.68
N PHE C 121 -15.08 -5.50 9.47
CA PHE C 121 -15.52 -6.73 8.81
C PHE C 121 -14.99 -7.98 9.53
N ARG C 122 -13.80 -7.87 10.16
CA ARG C 122 -13.13 -8.95 10.93
C ARG C 122 -13.99 -9.43 12.10
N GLU C 123 -14.84 -8.53 12.67
CA GLU C 123 -15.76 -8.80 13.78
C GLU C 123 -16.82 -9.84 13.38
N ALA C 124 -17.26 -9.82 12.12
CA ALA C 124 -18.23 -10.78 11.56
C ALA C 124 -17.48 -12.10 11.31
N ILE C 125 -17.33 -12.89 12.38
CA ILE C 125 -16.61 -14.18 12.42
C ILE C 125 -17.12 -15.26 11.47
N SER C 126 -18.43 -15.28 11.20
CA SER C 126 -19.06 -16.27 10.33
C SER C 126 -19.12 -15.87 8.84
N LEU C 127 -18.66 -14.63 8.50
CA LEU C 127 -18.69 -14.09 7.14
C LEU C 127 -17.92 -14.91 6.10
N LYS C 128 -18.67 -15.51 5.16
CA LYS C 128 -18.16 -16.35 4.07
C LYS C 128 -18.18 -15.59 2.74
N LEU C 129 -19.23 -14.79 2.49
CA LEU C 129 -19.38 -14.03 1.25
C LEU C 129 -19.56 -12.54 1.51
N LEU C 130 -18.64 -11.72 0.95
CA LEU C 130 -18.63 -10.26 1.09
C LEU C 130 -18.61 -9.60 -0.28
N PHE C 131 -19.71 -8.90 -0.63
CA PHE C 131 -19.87 -8.24 -1.92
C PHE C 131 -19.80 -6.71 -1.79
N LEU C 132 -18.59 -6.16 -1.98
CA LEU C 132 -18.32 -4.72 -1.90
C LEU C 132 -18.22 -4.10 -3.31
N SER C 133 -19.16 -4.48 -4.18
CA SER C 133 -19.24 -4.01 -5.55
C SER C 133 -19.76 -2.58 -5.63
N LYS C 134 -19.24 -1.80 -6.60
CA LYS C 134 -19.62 -0.41 -6.90
C LYS C 134 -19.64 0.54 -5.67
N ASN C 135 -18.47 0.73 -5.07
CA ASN C 135 -18.25 1.62 -3.92
C ASN C 135 -17.05 2.54 -4.21
N HIS C 136 -16.84 3.55 -3.34
CA HIS C 136 -15.75 4.52 -3.51
C HIS C 136 -14.48 4.14 -2.71
N LEU C 137 -14.29 2.84 -2.43
CA LEU C 137 -13.13 2.30 -1.69
C LEU C 137 -11.83 2.56 -2.45
N SER C 138 -10.82 3.07 -1.74
CA SER C 138 -9.52 3.43 -2.29
C SER C 138 -8.47 2.31 -2.18
N SER C 139 -8.72 1.32 -1.30
CA SER C 139 -7.85 0.16 -1.05
C SER C 139 -8.64 -0.99 -0.40
N VAL C 140 -8.06 -2.21 -0.41
CA VAL C 140 -8.65 -3.40 0.21
C VAL C 140 -8.46 -3.27 1.74
N PRO C 141 -9.55 -3.38 2.56
CA PRO C 141 -9.38 -3.24 4.02
C PRO C 141 -8.50 -4.33 4.65
N VAL C 142 -7.70 -3.95 5.66
CA VAL C 142 -6.77 -4.84 6.36
C VAL C 142 -7.52 -5.86 7.24
N GLY C 143 -8.44 -5.37 8.08
CA GLY C 143 -9.24 -6.20 8.96
C GLY C 143 -10.35 -6.96 8.26
N LEU C 144 -10.01 -8.13 7.69
CA LEU C 144 -10.95 -9.00 6.97
C LEU C 144 -11.22 -10.34 7.72
N PRO C 145 -12.39 -11.01 7.52
CA PRO C 145 -12.63 -12.27 8.24
C PRO C 145 -11.81 -13.44 7.71
N VAL C 146 -11.40 -14.34 8.63
CA VAL C 146 -10.60 -15.54 8.36
C VAL C 146 -11.37 -16.56 7.52
N ASP C 147 -12.66 -16.80 7.87
CA ASP C 147 -13.55 -17.77 7.22
C ASP C 147 -14.16 -17.31 5.88
N LEU C 148 -13.66 -16.20 5.30
CA LEU C 148 -14.14 -15.64 4.04
C LEU C 148 -13.79 -16.56 2.85
N GLN C 149 -14.78 -16.84 1.99
CA GLN C 149 -14.66 -17.71 0.82
C GLN C 149 -14.74 -16.94 -0.49
N GLU C 150 -15.42 -15.79 -0.50
CA GLU C 150 -15.56 -14.95 -1.69
C GLU C 150 -15.51 -13.45 -1.33
N LEU C 151 -14.58 -12.73 -1.96
CA LEU C 151 -14.42 -11.28 -1.80
C LEU C 151 -14.55 -10.60 -3.16
N ARG C 152 -15.72 -9.99 -3.40
CA ARG C 152 -16.04 -9.28 -4.64
C ARG C 152 -16.02 -7.78 -4.36
N VAL C 153 -14.88 -7.14 -4.65
CA VAL C 153 -14.67 -5.71 -4.43
C VAL C 153 -14.49 -4.95 -5.78
N ASP C 154 -15.20 -5.44 -6.82
CA ASP C 154 -15.21 -4.93 -8.18
C ASP C 154 -15.86 -3.54 -8.34
N GLU C 155 -15.50 -2.83 -9.43
CA GLU C 155 -15.97 -1.50 -9.83
C GLU C 155 -15.76 -0.41 -8.75
N ASN C 156 -14.56 -0.40 -8.15
CA ASN C 156 -14.17 0.54 -7.11
C ASN C 156 -13.05 1.49 -7.57
N ARG C 157 -12.49 2.29 -6.65
CA ARG C 157 -11.42 3.26 -6.92
C ARG C 157 -10.10 2.77 -6.27
N ILE C 158 -9.92 1.43 -6.19
CA ILE C 158 -8.74 0.78 -5.59
C ILE C 158 -7.51 0.93 -6.47
N ALA C 159 -6.42 1.47 -5.89
CA ALA C 159 -5.13 1.68 -6.55
C ALA C 159 -4.01 0.92 -5.84
N VAL C 160 -4.16 0.68 -4.52
CA VAL C 160 -3.18 -0.01 -3.69
C VAL C 160 -3.74 -1.22 -2.94
N ILE C 161 -2.90 -2.26 -2.73
CA ILE C 161 -3.20 -3.47 -1.98
C ILE C 161 -2.00 -3.76 -1.06
N SER C 162 -2.25 -3.79 0.26
CA SER C 162 -1.23 -4.05 1.28
C SER C 162 -0.96 -5.55 1.43
N ASP C 163 0.24 -5.89 1.95
CA ASP C 163 0.65 -7.28 2.20
C ASP C 163 -0.13 -7.87 3.38
N MET C 164 -0.56 -7.00 4.33
CA MET C 164 -1.33 -7.34 5.53
C MET C 164 -2.84 -7.37 5.27
N ALA C 165 -3.29 -6.94 4.07
CA ALA C 165 -4.71 -6.90 3.67
C ALA C 165 -5.32 -8.30 3.56
N PHE C 166 -4.52 -9.29 3.14
CA PHE C 166 -4.95 -10.68 2.98
C PHE C 166 -4.31 -11.62 4.01
N GLN C 167 -4.12 -11.09 5.24
CA GLN C 167 -3.54 -11.83 6.38
C GLN C 167 -4.57 -12.83 6.93
N ASN C 168 -4.13 -14.09 7.13
CA ASN C 168 -4.91 -15.22 7.66
C ASN C 168 -6.01 -15.77 6.73
N LEU C 169 -6.27 -15.10 5.59
CA LEU C 169 -7.29 -15.52 4.61
C LEU C 169 -6.78 -16.67 3.74
N THR C 170 -6.80 -17.89 4.30
CA THR C 170 -6.36 -19.11 3.62
C THR C 170 -7.55 -19.82 2.97
N SER C 171 -8.78 -19.56 3.49
CA SER C 171 -10.03 -20.17 3.01
C SER C 171 -10.69 -19.46 1.80
N LEU C 172 -10.13 -18.31 1.35
CA LEU C 172 -10.68 -17.55 0.22
C LEU C 172 -10.52 -18.31 -1.11
N GLU C 173 -11.64 -18.49 -1.84
CA GLU C 173 -11.71 -19.20 -3.12
C GLU C 173 -11.80 -18.27 -4.32
N ARG C 174 -12.60 -17.20 -4.23
CA ARG C 174 -12.78 -16.24 -5.32
C ARG C 174 -12.45 -14.81 -4.90
N LEU C 175 -11.61 -14.13 -5.71
CA LEU C 175 -11.19 -12.75 -5.49
C LEU C 175 -11.38 -11.95 -6.78
N ILE C 176 -12.41 -11.10 -6.80
CA ILE C 176 -12.77 -10.27 -7.96
C ILE C 176 -12.48 -8.79 -7.67
N VAL C 177 -11.34 -8.31 -8.19
CA VAL C 177 -10.89 -6.92 -8.05
C VAL C 177 -10.78 -6.34 -9.46
N ASP C 178 -11.93 -6.26 -10.17
CA ASP C 178 -11.97 -5.73 -11.53
C ASP C 178 -12.71 -4.40 -11.69
N GLY C 179 -12.21 -3.55 -12.58
CA GLY C 179 -12.74 -2.22 -12.82
C GLY C 179 -12.24 -1.24 -11.78
N ASN C 180 -10.91 -1.27 -11.55
CA ASN C 180 -10.21 -0.45 -10.58
C ASN C 180 -9.05 0.35 -11.20
N LEU C 181 -8.43 1.22 -10.40
CA LEU C 181 -7.29 2.06 -10.79
C LEU C 181 -5.97 1.42 -10.31
N LEU C 182 -6.01 0.09 -10.09
CA LEU C 182 -4.92 -0.75 -9.60
C LEU C 182 -3.75 -0.87 -10.57
N THR C 183 -2.52 -0.81 -10.03
CA THR C 183 -1.25 -0.92 -10.76
C THR C 183 -0.37 -2.01 -10.13
N ASN C 184 0.69 -2.43 -10.84
CA ASN C 184 1.62 -3.45 -10.35
C ASN C 184 2.50 -2.92 -9.21
N LYS C 185 2.78 -1.60 -9.19
CA LYS C 185 3.54 -0.94 -8.13
C LYS C 185 2.67 -0.72 -6.89
N GLY C 186 1.36 -0.59 -7.11
CA GLY C 186 0.36 -0.41 -6.06
C GLY C 186 0.21 -1.61 -5.17
N ILE C 187 0.27 -2.82 -5.76
CA ILE C 187 0.17 -4.10 -5.02
C ILE C 187 1.50 -4.43 -4.34
N ALA C 188 1.45 -4.78 -3.05
CA ALA C 188 2.63 -5.12 -2.26
C ALA C 188 3.26 -6.45 -2.67
N GLU C 189 4.56 -6.64 -2.38
CA GLU C 189 5.32 -7.85 -2.71
C GLU C 189 4.80 -9.03 -1.88
N GLY C 190 4.35 -10.08 -2.58
CA GLY C 190 3.81 -11.30 -1.99
C GLY C 190 2.52 -11.11 -1.21
N THR C 191 1.57 -10.34 -1.78
CA THR C 191 0.26 -10.08 -1.15
C THR C 191 -0.74 -11.21 -1.36
N PHE C 192 -0.69 -11.88 -2.53
CA PHE C 192 -1.61 -12.97 -2.88
C PHE C 192 -1.06 -14.36 -2.56
N SER C 193 0.27 -14.45 -2.30
CA SER C 193 1.02 -15.68 -2.01
C SER C 193 0.38 -16.65 -0.99
N HIS C 194 -0.22 -16.13 0.09
CA HIS C 194 -0.84 -16.94 1.14
C HIS C 194 -2.30 -17.39 0.91
N LEU C 195 -2.84 -17.13 -0.29
CA LEU C 195 -4.21 -17.50 -0.67
C LEU C 195 -4.20 -18.89 -1.32
N THR C 196 -3.99 -19.93 -0.49
CA THR C 196 -3.88 -21.34 -0.86
C THR C 196 -5.11 -21.92 -1.57
N LYS C 197 -6.31 -21.73 -0.99
CA LYS C 197 -7.56 -22.26 -1.54
C LYS C 197 -8.20 -21.44 -2.68
N LEU C 198 -7.51 -20.38 -3.16
CA LEU C 198 -8.00 -19.52 -4.25
C LEU C 198 -8.09 -20.27 -5.57
N LYS C 199 -9.31 -20.33 -6.13
CA LYS C 199 -9.63 -21.01 -7.40
C LYS C 199 -9.79 -20.05 -8.58
N GLU C 200 -10.28 -18.82 -8.33
CA GLU C 200 -10.50 -17.80 -9.36
C GLU C 200 -9.93 -16.44 -8.96
N PHE C 201 -9.37 -15.72 -9.96
CA PHE C 201 -8.79 -14.38 -9.81
C PHE C 201 -9.12 -13.54 -11.04
N SER C 202 -9.75 -12.37 -10.82
CA SER C 202 -10.16 -11.44 -11.89
C SER C 202 -9.73 -10.01 -11.61
N ILE C 203 -8.96 -9.41 -12.54
CA ILE C 203 -8.45 -8.03 -12.48
C ILE C 203 -8.64 -7.29 -13.81
N VAL C 204 -9.82 -7.45 -14.45
CA VAL C 204 -10.16 -6.81 -15.72
C VAL C 204 -10.36 -5.28 -15.56
N ARG C 205 -10.16 -4.50 -16.64
CA ARG C 205 -10.30 -3.04 -16.66
C ARG C 205 -9.46 -2.27 -15.62
N ASN C 206 -8.22 -2.74 -15.38
CA ASN C 206 -7.24 -2.14 -14.47
C ASN C 206 -6.01 -1.64 -15.25
N SER C 207 -5.02 -1.05 -14.55
CA SER C 207 -3.80 -0.51 -15.18
C SER C 207 -2.51 -1.25 -14.74
N LEU C 208 -2.50 -2.58 -14.92
CA LEU C 208 -1.34 -3.42 -14.60
C LEU C 208 -0.43 -3.56 -15.80
N SER C 209 0.88 -3.25 -15.63
CA SER C 209 1.89 -3.33 -16.68
C SER C 209 2.31 -4.77 -17.01
N HIS C 210 2.11 -5.69 -16.05
CA HIS C 210 2.42 -7.12 -16.16
C HIS C 210 1.56 -7.94 -15.15
N PRO C 211 1.39 -9.28 -15.32
CA PRO C 211 0.56 -10.04 -14.35
C PRO C 211 1.11 -10.00 -12.91
N PRO C 212 0.25 -10.09 -11.86
CA PRO C 212 0.75 -10.01 -10.48
C PRO C 212 1.81 -11.06 -10.12
N PRO C 213 2.98 -10.63 -9.57
CA PRO C 213 4.02 -11.61 -9.24
C PRO C 213 3.72 -12.40 -7.97
N ASP C 214 4.23 -13.64 -7.90
CA ASP C 214 4.08 -14.59 -6.78
C ASP C 214 2.63 -14.96 -6.48
N LEU C 215 1.93 -15.54 -7.49
CA LEU C 215 0.55 -16.01 -7.37
C LEU C 215 0.55 -17.52 -7.02
N PRO C 216 -0.28 -17.98 -6.06
CA PRO C 216 -0.28 -19.42 -5.74
C PRO C 216 -1.10 -20.28 -6.70
N GLY C 217 -0.54 -21.43 -7.06
CA GLY C 217 -1.18 -22.38 -7.97
C GLY C 217 -1.57 -23.69 -7.32
N THR C 218 -1.80 -23.66 -5.99
CA THR C 218 -2.20 -24.82 -5.19
C THR C 218 -3.61 -25.29 -5.54
N HIS C 219 -4.52 -24.35 -5.87
CA HIS C 219 -5.91 -24.62 -6.23
C HIS C 219 -6.46 -23.69 -7.32
N LEU C 220 -5.61 -22.78 -7.87
CA LEU C 220 -6.01 -21.82 -8.91
C LEU C 220 -6.36 -22.50 -10.24
N ILE C 221 -7.59 -22.23 -10.72
CA ILE C 221 -8.15 -22.81 -11.94
C ILE C 221 -8.35 -21.73 -13.03
N ARG C 222 -8.95 -20.59 -12.66
CA ARG C 222 -9.22 -19.49 -13.60
C ARG C 222 -8.45 -18.22 -13.26
N LEU C 223 -7.79 -17.61 -14.27
CA LEU C 223 -7.01 -16.37 -14.12
C LEU C 223 -7.38 -15.40 -15.23
N TYR C 224 -8.00 -14.26 -14.85
CA TYR C 224 -8.44 -13.23 -15.79
C TYR C 224 -7.58 -11.98 -15.72
N LEU C 225 -6.86 -11.70 -16.81
CA LEU C 225 -5.95 -10.56 -16.95
C LEU C 225 -6.38 -9.67 -18.14
N GLN C 226 -7.68 -9.67 -18.45
CA GLN C 226 -8.32 -8.92 -19.54
C GLN C 226 -8.30 -7.40 -19.30
N ASP C 227 -8.48 -6.62 -20.40
CA ASP C 227 -8.55 -5.15 -20.43
C ASP C 227 -7.55 -4.39 -19.55
N ASN C 228 -6.31 -4.90 -19.47
CA ASN C 228 -5.21 -4.31 -18.70
C ASN C 228 -4.17 -3.66 -19.62
N GLN C 229 -3.17 -2.99 -19.05
CA GLN C 229 -2.10 -2.34 -19.82
C GLN C 229 -0.83 -3.21 -19.84
N ILE C 230 -1.00 -4.55 -19.85
CA ILE C 230 0.08 -5.54 -19.85
C ILE C 230 0.89 -5.47 -21.15
N ASN C 231 2.16 -5.02 -21.03
CA ASN C 231 3.10 -4.89 -22.16
C ASN C 231 3.98 -6.13 -22.31
N HIS C 232 4.38 -6.74 -21.18
CA HIS C 232 5.23 -7.92 -21.11
C HIS C 232 4.74 -8.91 -20.04
N ILE C 233 5.06 -10.19 -20.21
CA ILE C 233 4.72 -11.22 -19.24
C ILE C 233 6.01 -11.93 -18.82
N PRO C 234 6.41 -11.87 -17.52
CA PRO C 234 7.65 -12.54 -17.09
C PRO C 234 7.61 -14.06 -17.19
N LEU C 235 8.81 -14.68 -17.30
CA LEU C 235 9.01 -16.13 -17.43
C LEU C 235 8.56 -16.92 -16.19
N THR C 236 8.64 -16.28 -15.01
CA THR C 236 8.26 -16.88 -13.72
C THR C 236 6.80 -16.61 -13.32
N ALA C 237 6.11 -15.70 -14.05
CA ALA C 237 4.73 -15.30 -13.78
C ALA C 237 3.73 -16.46 -13.83
N PHE C 238 3.70 -17.20 -14.95
CA PHE C 238 2.79 -18.35 -15.10
C PHE C 238 3.33 -19.65 -14.50
N ALA C 239 4.61 -19.64 -14.06
CA ALA C 239 5.27 -20.77 -13.40
C ALA C 239 4.68 -20.98 -12.01
N ASN C 240 4.64 -22.25 -11.54
CA ASN C 240 4.08 -22.68 -10.26
C ASN C 240 2.55 -22.47 -10.17
N LEU C 241 1.86 -22.60 -11.33
CA LEU C 241 0.41 -22.49 -11.48
C LEU C 241 -0.08 -23.69 -12.34
N ARG C 242 0.44 -24.88 -12.02
CA ARG C 242 0.19 -26.16 -12.71
C ARG C 242 -1.27 -26.62 -12.81
N LYS C 243 -2.13 -26.24 -11.84
CA LYS C 243 -3.54 -26.62 -11.83
C LYS C 243 -4.49 -25.68 -12.60
N LEU C 244 -3.94 -24.65 -13.27
CA LEU C 244 -4.73 -23.67 -14.04
C LEU C 244 -5.36 -24.29 -15.29
N GLU C 245 -6.66 -24.04 -15.49
CA GLU C 245 -7.42 -24.56 -16.63
C GLU C 245 -7.81 -23.46 -17.61
N ARG C 246 -8.37 -22.33 -17.11
CA ARG C 246 -8.77 -21.22 -17.96
C ARG C 246 -7.87 -19.99 -17.74
N LEU C 247 -7.39 -19.40 -18.85
CA LEU C 247 -6.51 -18.22 -18.83
C LEU C 247 -6.96 -17.21 -19.89
N ASP C 248 -6.93 -15.91 -19.55
CA ASP C 248 -7.33 -14.83 -20.44
C ASP C 248 -6.37 -13.64 -20.37
N ILE C 249 -5.67 -13.36 -21.49
CA ILE C 249 -4.71 -12.26 -21.61
C ILE C 249 -5.12 -11.28 -22.72
N SER C 250 -6.41 -11.27 -23.07
CA SER C 250 -7.01 -10.42 -24.11
C SER C 250 -7.06 -8.92 -23.73
N ASN C 251 -7.23 -8.05 -24.75
CA ASN C 251 -7.36 -6.59 -24.64
C ASN C 251 -6.20 -5.89 -23.89
N ASN C 252 -4.96 -6.33 -24.14
CA ASN C 252 -3.75 -5.76 -23.51
C ASN C 252 -2.79 -5.19 -24.57
N GLN C 253 -1.70 -4.53 -24.12
CA GLN C 253 -0.69 -3.93 -25.00
C GLN C 253 0.52 -4.85 -25.23
N LEU C 254 0.28 -6.17 -25.37
CA LEU C 254 1.32 -7.17 -25.61
C LEU C 254 1.78 -7.19 -27.06
N ARG C 255 3.11 -7.08 -27.25
CA ARG C 255 3.75 -7.08 -28.58
C ARG C 255 4.19 -8.49 -28.96
N MET C 256 4.64 -9.28 -27.96
CA MET C 256 5.11 -10.66 -28.09
C MET C 256 5.10 -11.40 -26.74
N LEU C 257 5.44 -12.70 -26.73
CA LEU C 257 5.51 -13.54 -25.53
C LEU C 257 6.89 -14.18 -25.42
N THR C 258 7.45 -14.20 -24.19
CA THR C 258 8.76 -14.80 -23.91
C THR C 258 8.72 -16.33 -24.02
N GLN C 259 9.74 -16.93 -24.68
CA GLN C 259 9.84 -18.38 -24.92
C GLN C 259 9.88 -19.21 -23.63
N GLY C 260 8.87 -20.05 -23.46
CA GLY C 260 8.72 -20.93 -22.30
C GLY C 260 7.89 -20.32 -21.19
N VAL C 261 6.81 -19.59 -21.54
CA VAL C 261 5.91 -18.95 -20.58
C VAL C 261 4.74 -19.86 -20.16
N PHE C 262 4.18 -20.63 -21.11
CA PHE C 262 3.09 -21.58 -20.87
C PHE C 262 3.64 -23.01 -20.66
N ASP C 263 4.98 -23.11 -20.50
CA ASP C 263 5.73 -24.36 -20.31
C ASP C 263 5.31 -25.15 -19.07
N HIS C 264 5.00 -24.44 -17.96
CA HIS C 264 4.58 -25.04 -16.69
C HIS C 264 3.07 -25.31 -16.62
N LEU C 265 2.27 -24.66 -17.50
CA LEU C 265 0.81 -24.83 -17.56
C LEU C 265 0.45 -26.10 -18.34
N SER C 266 0.43 -27.24 -17.62
CA SER C 266 0.14 -28.57 -18.18
C SER C 266 -1.35 -28.93 -18.21
N ASN C 267 -2.13 -28.39 -17.25
CA ASN C 267 -3.57 -28.65 -17.14
C ASN C 267 -4.44 -27.56 -17.81
N LEU C 268 -3.84 -26.76 -18.72
CA LEU C 268 -4.50 -25.68 -19.45
C LEU C 268 -5.57 -26.21 -20.42
N LYS C 269 -6.74 -25.54 -20.47
CA LYS C 269 -7.88 -25.91 -21.31
C LYS C 269 -8.31 -24.81 -22.28
N GLN C 270 -8.21 -23.53 -21.86
CA GLN C 270 -8.61 -22.38 -22.69
C GLN C 270 -7.66 -21.19 -22.54
N LEU C 271 -7.38 -20.52 -23.67
CA LEU C 271 -6.52 -19.33 -23.75
C LEU C 271 -7.09 -18.32 -24.74
N THR C 272 -7.23 -17.05 -24.30
CA THR C 272 -7.77 -15.96 -25.13
C THR C 272 -6.80 -14.78 -25.12
N ALA C 273 -6.39 -14.32 -26.31
CA ALA C 273 -5.48 -13.19 -26.49
C ALA C 273 -5.94 -12.20 -27.58
N ARG C 274 -7.27 -12.01 -27.68
CA ARG C 274 -7.93 -11.10 -28.64
C ARG C 274 -7.60 -9.63 -28.35
N ASN C 275 -7.60 -8.78 -29.39
CA ASN C 275 -7.32 -7.33 -29.32
C ASN C 275 -5.96 -6.95 -28.72
N ASN C 276 -4.89 -7.62 -29.19
CA ASN C 276 -3.51 -7.38 -28.75
C ASN C 276 -2.61 -7.04 -29.96
N PRO C 277 -1.74 -6.00 -29.89
CA PRO C 277 -0.89 -5.67 -31.05
C PRO C 277 0.30 -6.61 -31.20
N TRP C 278 0.03 -7.86 -31.66
CA TRP C 278 1.06 -8.88 -31.87
C TRP C 278 1.89 -8.56 -33.10
N PHE C 279 3.20 -8.28 -32.89
CA PHE C 279 4.11 -8.01 -33.99
C PHE C 279 4.70 -9.35 -34.44
N CYS C 280 4.31 -9.77 -35.65
CA CYS C 280 4.75 -11.05 -36.21
C CYS C 280 6.10 -11.00 -36.92
N ASP C 281 7.13 -11.39 -36.17
CA ASP C 281 8.53 -11.46 -36.61
C ASP C 281 9.15 -12.77 -36.08
N CYS C 282 10.49 -12.86 -35.99
CA CYS C 282 11.15 -14.07 -35.48
C CYS C 282 10.99 -14.27 -33.96
N SER C 283 10.39 -13.28 -33.27
CA SER C 283 10.12 -13.32 -31.84
C SER C 283 8.96 -14.27 -31.50
N ILE C 284 7.98 -14.40 -32.43
CA ILE C 284 6.81 -15.27 -32.28
C ILE C 284 6.98 -16.64 -32.98
N LYS C 285 8.22 -17.00 -33.36
CA LYS C 285 8.56 -18.27 -34.02
C LYS C 285 8.19 -19.46 -33.13
N TRP C 286 8.43 -19.34 -31.80
CA TRP C 286 8.11 -20.37 -30.83
C TRP C 286 6.60 -20.54 -30.65
N VAL C 287 5.84 -19.42 -30.74
CA VAL C 287 4.37 -19.38 -30.61
C VAL C 287 3.74 -20.18 -31.75
N THR C 288 4.28 -20.03 -32.98
CA THR C 288 3.85 -20.74 -34.19
C THR C 288 4.07 -22.24 -34.02
N GLU C 289 5.27 -22.63 -33.52
CA GLU C 289 5.63 -24.03 -33.27
C GLU C 289 4.85 -24.64 -32.11
N TRP C 290 4.55 -23.83 -31.07
CA TRP C 290 3.77 -24.23 -29.89
C TRP C 290 2.33 -24.57 -30.28
N LEU C 291 1.71 -23.71 -31.12
CA LEU C 291 0.35 -23.87 -31.62
C LEU C 291 0.18 -25.08 -32.55
N LYS C 292 1.26 -25.47 -33.27
CA LYS C 292 1.27 -26.60 -34.20
C LYS C 292 1.30 -27.97 -33.50
N TYR C 293 2.00 -28.07 -32.36
CA TYR C 293 2.12 -29.31 -31.58
C TYR C 293 1.17 -29.42 -30.38
N ILE C 294 0.39 -28.36 -30.09
CA ILE C 294 -0.56 -28.32 -28.96
C ILE C 294 -1.80 -29.22 -29.19
N PRO C 295 -2.23 -30.05 -28.20
CA PRO C 295 -3.41 -30.89 -28.40
C PRO C 295 -4.71 -30.11 -28.54
N SER C 296 -5.73 -30.72 -29.19
CA SER C 296 -7.05 -30.15 -29.45
C SER C 296 -7.85 -29.77 -28.18
N SER C 297 -7.44 -30.32 -27.01
CA SER C 297 -8.04 -30.06 -25.70
C SER C 297 -7.93 -28.57 -25.32
N LEU C 298 -6.80 -27.93 -25.71
CA LEU C 298 -6.52 -26.52 -25.47
C LEU C 298 -7.22 -25.66 -26.52
N ASN C 299 -8.08 -24.72 -26.06
CA ASN C 299 -8.83 -23.81 -26.92
C ASN C 299 -8.13 -22.44 -26.97
N VAL C 300 -7.24 -22.25 -27.95
CA VAL C 300 -6.46 -21.02 -28.12
C VAL C 300 -7.12 -20.13 -29.18
N ARG C 301 -7.42 -18.86 -28.82
CA ARG C 301 -8.05 -17.87 -29.71
C ARG C 301 -7.45 -16.47 -29.55
N GLY C 302 -7.41 -15.73 -30.64
CA GLY C 302 -6.93 -14.34 -30.66
C GLY C 302 -5.50 -14.08 -31.09
N PHE C 303 -4.77 -15.10 -31.56
CA PHE C 303 -3.38 -14.93 -32.00
C PHE C 303 -3.29 -14.51 -33.47
N MET C 304 -3.56 -13.23 -33.74
CA MET C 304 -3.52 -12.63 -35.08
C MET C 304 -2.48 -11.53 -35.19
N CYS C 305 -1.88 -11.37 -36.38
CA CYS C 305 -0.84 -10.38 -36.67
C CYS C 305 -1.43 -9.00 -36.93
N GLN C 306 -0.91 -7.99 -36.22
CA GLN C 306 -1.32 -6.59 -36.38
C GLN C 306 -0.21 -5.79 -37.09
N GLY C 307 0.98 -6.39 -37.16
CA GLY C 307 2.15 -5.81 -37.81
C GLY C 307 3.25 -6.83 -38.07
N PRO C 308 4.05 -6.71 -39.16
CA PRO C 308 4.01 -5.67 -40.22
C PRO C 308 2.88 -5.92 -41.24
N GLU C 309 2.69 -4.99 -42.18
CA GLU C 309 1.66 -5.02 -43.23
C GLU C 309 1.71 -6.28 -44.12
N GLN C 310 2.91 -6.86 -44.29
CA GLN C 310 3.17 -8.08 -45.08
C GLN C 310 2.55 -9.32 -44.42
N VAL C 311 2.47 -9.31 -43.07
CA VAL C 311 1.97 -10.41 -42.25
C VAL C 311 0.58 -10.10 -41.61
N ARG C 312 0.20 -8.80 -41.54
CA ARG C 312 -1.06 -8.29 -40.96
C ARG C 312 -2.32 -9.03 -41.43
N GLY C 313 -3.17 -9.38 -40.46
CA GLY C 313 -4.43 -10.08 -40.69
C GLY C 313 -4.36 -11.58 -40.50
N MET C 314 -3.20 -12.19 -40.78
CA MET C 314 -2.96 -13.63 -40.68
C MET C 314 -2.84 -14.10 -39.23
N ALA C 315 -3.21 -15.37 -38.99
CA ALA C 315 -3.11 -16.01 -37.68
C ALA C 315 -1.71 -16.57 -37.47
N VAL C 316 -1.18 -16.45 -36.23
CA VAL C 316 0.16 -16.91 -35.83
C VAL C 316 0.36 -18.43 -36.10
N ARG C 317 -0.67 -19.25 -35.82
CA ARG C 317 -0.68 -20.71 -36.02
C ARG C 317 -0.50 -21.11 -37.50
N GLU C 318 -1.07 -20.33 -38.43
CA GLU C 318 -1.03 -20.57 -39.88
C GLU C 318 0.25 -20.05 -40.58
N LEU C 319 1.18 -19.44 -39.81
CA LEU C 319 2.42 -18.85 -40.33
C LEU C 319 3.57 -19.80 -40.66
N ASN C 320 4.56 -19.29 -41.43
CA ASN C 320 5.79 -19.96 -41.86
C ASN C 320 6.89 -18.91 -42.07
N MET C 321 8.09 -19.16 -41.51
CA MET C 321 9.24 -18.26 -41.63
C MET C 321 10.48 -18.99 -42.12
N SER C 325 11.43 -16.22 -43.77
CA SER C 325 11.73 -14.84 -43.39
C SER C 325 12.97 -14.74 -42.51
N CYS C 326 13.15 -15.72 -41.61
CA CYS C 326 14.26 -15.80 -40.67
C CYS C 326 14.64 -17.27 -40.38
N PRO C 327 15.79 -17.59 -39.73
CA PRO C 327 16.14 -19.00 -39.50
C PRO C 327 15.20 -19.72 -38.53
N THR D 50 -13.20 18.91 5.97
CA THR D 50 -14.60 18.78 5.55
C THR D 50 -14.80 17.93 4.28
N LEU D 51 -16.06 17.55 3.99
CA LEU D 51 -16.43 16.76 2.81
C LEU D 51 -16.34 17.62 1.55
N PRO D 52 -16.20 17.06 0.31
CA PRO D 52 -16.14 17.92 -0.88
C PRO D 52 -17.49 18.49 -1.25
N HIS D 53 -17.51 19.77 -1.63
CA HIS D 53 -18.71 20.47 -2.11
C HIS D 53 -18.46 20.76 -3.57
N PHE D 54 -19.47 20.55 -4.42
CA PHE D 54 -19.32 20.78 -5.84
C PHE D 54 -19.55 22.22 -6.24
N ILE D 55 -18.56 22.80 -6.93
CA ILE D 55 -18.62 24.16 -7.49
C ILE D 55 -19.37 24.00 -8.82
N GLU D 56 -19.03 22.94 -9.58
CA GLU D 56 -19.65 22.61 -10.84
C GLU D 56 -19.98 21.12 -10.88
N GLU D 57 -21.26 20.81 -11.10
CA GLU D 57 -21.80 19.46 -11.22
C GLU D 57 -22.04 19.18 -12.70
N PRO D 58 -21.96 17.91 -13.19
CA PRO D 58 -22.21 17.68 -14.63
C PRO D 58 -23.64 17.98 -15.04
N GLU D 59 -23.79 18.67 -16.19
CA GLU D 59 -25.08 19.10 -16.74
C GLU D 59 -25.58 18.06 -17.76
N ASP D 60 -26.91 18.00 -17.99
CA ASP D 60 -27.54 17.12 -18.98
C ASP D 60 -27.13 17.60 -20.37
N ALA D 61 -26.52 16.71 -21.17
CA ALA D 61 -26.01 17.05 -22.48
C ALA D 61 -26.72 16.35 -23.64
N TYR D 62 -26.68 16.99 -24.82
CA TYR D 62 -27.31 16.50 -26.04
C TYR D 62 -26.30 16.47 -27.18
N ILE D 63 -26.21 15.33 -27.88
CA ILE D 63 -25.30 15.15 -29.00
C ILE D 63 -26.06 15.42 -30.30
N ILE D 64 -25.72 16.56 -30.94
CA ILE D 64 -26.33 17.02 -32.20
C ILE D 64 -25.23 17.12 -33.26
N LYS D 65 -25.46 16.48 -34.44
CA LYS D 65 -24.55 16.41 -35.59
C LYS D 65 -23.23 15.65 -35.30
N SER D 66 -23.31 14.65 -34.39
CA SER D 66 -22.25 13.72 -33.96
C SER D 66 -21.05 14.24 -33.17
N ASN D 67 -20.93 15.57 -33.00
CA ASN D 67 -19.82 16.17 -32.23
C ASN D 67 -19.81 15.66 -30.78
N PRO D 68 -18.70 15.02 -30.31
CA PRO D 68 -18.69 14.48 -28.94
C PRO D 68 -18.79 15.54 -27.85
N ILE D 69 -19.74 15.35 -26.91
CA ILE D 69 -19.96 16.28 -25.80
C ILE D 69 -18.94 16.05 -24.67
N ALA D 70 -18.83 17.04 -23.78
CA ALA D 70 -17.94 16.97 -22.60
C ALA D 70 -18.75 17.24 -21.35
N LEU D 71 -18.49 16.46 -20.28
CA LEU D 71 -19.14 16.62 -18.99
C LEU D 71 -18.13 17.20 -18.02
N ARG D 72 -18.51 18.31 -17.36
CA ARG D 72 -17.65 19.08 -16.42
C ARG D 72 -17.97 18.79 -14.96
N CYS D 73 -16.94 18.71 -14.12
CA CYS D 73 -17.06 18.49 -12.70
C CYS D 73 -15.96 19.22 -11.92
N LYS D 74 -16.34 19.98 -10.88
CA LYS D 74 -15.41 20.76 -10.05
C LYS D 74 -15.83 20.68 -8.57
N ALA D 75 -14.91 20.22 -7.70
CA ALA D 75 -15.18 20.06 -6.27
C ALA D 75 -14.01 20.53 -5.38
N ARG D 76 -14.35 21.06 -4.18
CA ARG D 76 -13.41 21.58 -3.19
C ARG D 76 -13.93 21.26 -1.76
N PRO D 77 -13.13 20.63 -0.87
CA PRO D 77 -11.76 20.12 -1.07
C PRO D 77 -11.73 18.76 -1.75
N ALA D 78 -10.87 18.60 -2.77
CA ALA D 78 -10.75 17.34 -3.50
C ALA D 78 -9.32 16.97 -3.86
N MET D 79 -8.93 15.73 -3.51
CA MET D 79 -7.61 15.15 -3.81
C MET D 79 -7.70 14.23 -5.04
N GLN D 80 -8.89 13.63 -5.26
CA GLN D 80 -9.18 12.73 -6.37
C GLN D 80 -10.64 12.86 -6.79
N ILE D 81 -10.89 12.88 -8.11
CA ILE D 81 -12.22 12.95 -8.70
C ILE D 81 -12.29 11.94 -9.86
N PHE D 82 -13.31 11.06 -9.83
CA PHE D 82 -13.55 10.06 -10.86
C PHE D 82 -15.00 10.08 -11.33
N PHE D 83 -15.19 9.82 -12.64
CA PHE D 83 -16.52 9.73 -13.22
C PHE D 83 -16.98 8.27 -13.25
N LYS D 84 -18.28 8.07 -13.04
CA LYS D 84 -18.92 6.76 -13.05
C LYS D 84 -20.07 6.87 -14.04
N CYS D 85 -20.00 6.14 -15.15
CA CYS D 85 -21.05 6.17 -16.17
C CYS D 85 -21.80 4.85 -16.21
N ASN D 86 -23.13 4.92 -16.01
CA ASN D 86 -24.06 3.77 -16.01
C ASN D 86 -23.69 2.68 -14.99
N GLY D 87 -23.37 3.09 -13.77
CA GLY D 87 -23.16 2.17 -12.68
C GLY D 87 -21.79 1.54 -12.68
N GLU D 88 -20.93 1.97 -13.60
CA GLU D 88 -19.57 1.47 -13.63
C GLU D 88 -18.61 2.60 -13.94
N TRP D 89 -17.39 2.45 -13.48
CA TRP D 89 -16.41 3.51 -13.52
C TRP D 89 -15.77 3.82 -14.84
N VAL D 90 -15.19 5.01 -14.93
CA VAL D 90 -14.60 5.50 -16.17
C VAL D 90 -13.09 5.52 -16.06
N HIS D 91 -12.42 4.89 -17.02
CA HIS D 91 -10.96 4.70 -16.97
C HIS D 91 -10.26 6.03 -16.75
N GLN D 92 -9.17 6.02 -15.94
CA GLN D 92 -8.35 7.19 -15.60
C GLN D 92 -7.81 7.94 -16.82
N ASN D 93 -7.45 7.20 -17.89
CA ASN D 93 -6.93 7.73 -19.15
C ASN D 93 -7.94 8.60 -19.89
N GLU D 94 -9.25 8.34 -19.68
CA GLU D 94 -10.34 9.11 -20.30
C GLU D 94 -10.62 10.43 -19.57
N HIS D 95 -10.06 10.61 -18.35
CA HIS D 95 -10.23 11.81 -17.52
C HIS D 95 -9.17 12.87 -17.83
N VAL D 96 -9.61 14.14 -17.98
CA VAL D 96 -8.72 15.29 -18.17
C VAL D 96 -8.87 16.12 -16.89
N SER D 97 -7.86 16.05 -16.00
CA SER D 97 -7.87 16.69 -14.69
C SER D 97 -7.13 18.02 -14.58
N GLU D 98 -7.52 18.84 -13.60
CA GLU D 98 -6.97 20.16 -13.30
C GLU D 98 -6.92 20.33 -11.77
N GLU D 99 -5.71 20.40 -11.19
CA GLU D 99 -5.51 20.58 -9.76
C GLU D 99 -4.96 21.98 -9.49
N SER D 100 -5.74 22.81 -8.79
CA SER D 100 -5.34 24.18 -8.49
C SER D 100 -5.57 24.52 -7.03
N LEU D 101 -4.61 25.27 -6.43
CA LEU D 101 -4.71 25.73 -5.06
C LEU D 101 -5.64 26.94 -5.03
N ASP D 102 -6.69 26.89 -4.19
CA ASP D 102 -7.69 27.95 -4.06
C ASP D 102 -7.05 29.25 -3.56
N GLU D 103 -7.38 30.37 -4.22
CA GLU D 103 -6.87 31.70 -3.85
C GLU D 103 -7.41 32.12 -2.49
N SER D 104 -8.59 31.58 -2.11
CA SER D 104 -9.25 31.85 -0.84
C SER D 104 -8.57 31.11 0.32
N SER D 105 -8.70 29.77 0.36
CA SER D 105 -8.10 28.94 1.41
C SER D 105 -7.06 27.98 0.84
N GLY D 106 -6.18 27.47 1.70
CA GLY D 106 -5.12 26.52 1.34
C GLY D 106 -5.60 25.17 0.82
N LEU D 107 -6.93 25.01 0.69
CA LEU D 107 -7.63 23.82 0.21
C LEU D 107 -7.43 23.63 -1.30
N LYS D 108 -7.21 22.37 -1.73
CA LYS D 108 -6.99 22.02 -3.13
C LYS D 108 -8.30 21.85 -3.90
N VAL D 109 -8.40 22.53 -5.05
CA VAL D 109 -9.57 22.49 -5.94
C VAL D 109 -9.24 21.60 -7.15
N ARG D 110 -10.13 20.65 -7.45
CA ARG D 110 -9.96 19.71 -8.56
C ARG D 110 -11.09 19.83 -9.59
N GLU D 111 -10.73 19.96 -10.88
CA GLU D 111 -11.66 20.07 -12.01
C GLU D 111 -11.37 18.93 -13.00
N VAL D 112 -12.40 18.13 -13.33
CA VAL D 112 -12.26 16.99 -14.25
C VAL D 112 -13.29 17.04 -15.39
N PHE D 113 -12.86 16.68 -16.61
CA PHE D 113 -13.66 16.60 -17.82
C PHE D 113 -13.56 15.20 -18.45
N ILE D 114 -14.68 14.67 -18.96
CA ILE D 114 -14.73 13.41 -19.71
C ILE D 114 -15.51 13.63 -21.00
N ASN D 115 -15.07 12.98 -22.08
CA ASN D 115 -15.75 13.09 -23.37
C ASN D 115 -16.68 11.89 -23.55
N VAL D 116 -17.90 12.15 -24.05
CA VAL D 116 -18.90 11.13 -24.35
C VAL D 116 -19.28 11.25 -25.83
N THR D 117 -18.97 10.21 -26.61
CA THR D 117 -19.23 10.16 -28.06
C THR D 117 -20.64 9.65 -28.40
N ARG D 118 -21.06 9.85 -29.65
CA ARG D 118 -22.36 9.39 -30.18
C ARG D 118 -22.38 7.85 -30.19
N GLN D 119 -21.22 7.22 -30.47
CA GLN D 119 -21.02 5.77 -30.50
C GLN D 119 -21.25 5.14 -29.12
N GLN D 120 -20.72 5.77 -28.03
CA GLN D 120 -20.88 5.28 -26.66
C GLN D 120 -22.35 5.22 -26.25
N VAL D 121 -23.15 6.23 -26.64
CA VAL D 121 -24.58 6.35 -26.34
C VAL D 121 -25.40 5.30 -27.11
N GLU D 122 -25.16 5.17 -28.43
CA GLU D 122 -25.91 4.18 -29.24
C GLU D 122 -25.49 2.72 -28.98
N ASP D 123 -24.28 2.48 -28.42
CA ASP D 123 -23.78 1.15 -28.07
C ASP D 123 -24.33 0.68 -26.72
N PHE D 124 -24.71 1.64 -25.84
CA PHE D 124 -25.28 1.33 -24.53
C PHE D 124 -26.75 0.97 -24.64
N HIS D 125 -27.11 -0.25 -24.18
CA HIS D 125 -28.48 -0.77 -24.23
C HIS D 125 -29.00 -1.06 -22.82
N GLY D 126 -29.39 0.00 -22.11
CA GLY D 126 -29.90 -0.08 -20.76
C GLY D 126 -31.35 0.36 -20.65
N PRO D 127 -32.04 0.05 -19.52
CA PRO D 127 -33.45 0.47 -19.38
C PRO D 127 -33.65 1.99 -19.32
N GLU D 128 -32.65 2.72 -18.79
CA GLU D 128 -32.69 4.18 -18.69
C GLU D 128 -31.64 4.85 -19.59
N ASP D 129 -31.77 6.18 -19.79
CA ASP D 129 -30.86 6.97 -20.61
C ASP D 129 -29.43 6.93 -20.07
N TYR D 130 -28.44 7.03 -20.98
CA TYR D 130 -27.01 7.05 -20.67
C TYR D 130 -26.76 8.16 -19.62
N TRP D 131 -26.19 7.79 -18.47
CA TRP D 131 -25.93 8.73 -17.40
C TRP D 131 -24.52 8.63 -16.85
N CYS D 132 -24.00 9.76 -16.36
CA CYS D 132 -22.68 9.85 -15.75
C CYS D 132 -22.75 10.64 -14.45
N GLN D 133 -22.11 10.10 -13.41
CA GLN D 133 -22.08 10.70 -12.08
C GLN D 133 -20.64 10.98 -11.70
N CYS D 134 -20.40 12.12 -11.07
CA CYS D 134 -19.08 12.54 -10.62
C CYS D 134 -18.95 12.28 -9.11
N VAL D 135 -17.86 11.60 -8.71
CA VAL D 135 -17.57 11.26 -7.31
C VAL D 135 -16.26 11.94 -6.88
N ALA D 136 -16.31 12.74 -5.79
CA ALA D 136 -15.16 13.46 -5.27
C ALA D 136 -14.64 12.85 -3.97
N TRP D 137 -13.30 12.89 -3.77
CA TRP D 137 -12.63 12.34 -2.59
C TRP D 137 -11.93 13.41 -1.76
N SER D 138 -12.17 13.37 -0.44
CA SER D 138 -11.57 14.27 0.55
C SER D 138 -10.73 13.45 1.52
N HIS D 139 -9.93 14.14 2.38
CA HIS D 139 -9.08 13.51 3.40
C HIS D 139 -9.88 12.70 4.42
N LEU D 140 -11.17 13.04 4.64
CA LEU D 140 -12.05 12.38 5.59
C LEU D 140 -13.28 11.63 5.02
N GLY D 141 -13.67 11.93 3.78
CA GLY D 141 -14.82 11.27 3.17
C GLY D 141 -15.02 11.48 1.68
N THR D 142 -16.21 11.09 1.19
CA THR D 142 -16.62 11.15 -0.22
C THR D 142 -17.93 11.94 -0.42
N SER D 143 -18.16 12.42 -1.65
CA SER D 143 -19.38 13.12 -2.06
C SER D 143 -19.70 12.82 -3.53
N LYS D 144 -20.96 12.47 -3.81
CA LYS D 144 -21.43 12.15 -5.15
C LYS D 144 -22.28 13.28 -5.70
N SER D 145 -22.07 13.64 -6.97
CA SER D 145 -22.81 14.70 -7.63
C SER D 145 -24.12 14.14 -8.21
N ARG D 146 -24.91 14.98 -8.89
CA ARG D 146 -26.15 14.55 -9.52
C ARG D 146 -25.86 13.69 -10.77
N LYS D 147 -26.81 12.83 -11.13
CA LYS D 147 -26.68 11.96 -12.31
C LYS D 147 -27.02 12.81 -13.54
N ALA D 148 -26.03 13.03 -14.41
CA ALA D 148 -26.21 13.82 -15.64
C ALA D 148 -26.51 12.92 -16.82
N SER D 149 -27.66 13.13 -17.47
CA SER D 149 -28.11 12.35 -18.62
C SER D 149 -27.53 12.85 -19.93
N VAL D 150 -27.17 11.92 -20.82
CA VAL D 150 -26.64 12.21 -22.16
C VAL D 150 -27.41 11.43 -23.23
N ARG D 151 -28.20 12.17 -24.02
CA ARG D 151 -29.08 11.65 -25.06
C ARG D 151 -28.75 12.22 -26.43
N ILE D 152 -28.93 11.40 -27.48
CA ILE D 152 -28.72 11.81 -28.88
C ILE D 152 -29.98 12.55 -29.34
N ALA D 153 -29.78 13.68 -30.06
CA ALA D 153 -30.88 14.48 -30.59
C ALA D 153 -30.63 14.81 -32.07
N TYR D 154 -31.63 14.50 -32.91
CA TYR D 154 -31.57 14.72 -34.37
C TYR D 154 -32.34 16.01 -34.74
N LEU D 155 -31.81 16.78 -35.70
CA LEU D 155 -32.45 18.01 -36.17
C LEU D 155 -33.45 17.71 -37.28
#